data_2GFP
#
_entry.id   2GFP
#
_cell.length_a   137.500
_cell.length_b   124.500
_cell.length_c   109.400
_cell.angle_alpha   90.00
_cell.angle_beta   110.20
_cell.angle_gamma   90.00
#
_symmetry.space_group_name_H-M   'C 1 2 1'
#
_entity_poly.entity_id   1
_entity_poly.type   'polypeptide(L)'
_entity_poly.pdbx_seq_one_letter_code
;LLLMLVLLVAVGQMAQTIYIPAIADMARDLNVREGAVQSVMGAYLLTYGVSQLFYGPISDRVGRRPVILVGMSIFMLATL
VAVTTSSLTVLIAASAMQGMGTGVGGVMARTLPRDLYERTQLRHANSLLNMGILVSPLLAPLIGGLLDTMWNWRACYLFL
LVLCAGVTFSMARWMPETRPVDAPRTRLLTSYKTLFGNSGFNCYLLMLIGGLAGIAAFEACSGVLMGAVLGLSSMTVSIL
FILPIPAAFFGAWFAGRPNKRFSTLMWQSVICCLLAGLLMWIPDWFGVMNVWTLLVPAALFFFGAGMLFPLATSGAMEPF
PFLAGTAGALVGGLQNIGSGVLASLSAMLPQTGQGSLGLLMTLMGLLIVLCWLPL
;
_entity_poly.pdbx_strand_id   A,B
#
# COMPACT_ATOMS: atom_id res chain seq x y z
N LEU A 1 41.27 -8.72 -23.26
CA LEU A 1 39.79 -8.78 -23.42
C LEU A 1 39.21 -9.80 -22.43
N LEU A 2 38.80 -10.95 -22.95
CA LEU A 2 38.21 -12.04 -22.17
C LEU A 2 38.81 -12.26 -20.78
N LEU A 3 40.11 -12.53 -20.73
CA LEU A 3 40.80 -12.77 -19.47
C LEU A 3 40.78 -11.59 -18.51
N MET A 4 40.81 -10.38 -19.05
CA MET A 4 40.74 -9.17 -18.23
C MET A 4 39.44 -9.25 -17.45
N LEU A 5 38.38 -9.65 -18.14
CA LEU A 5 37.07 -9.79 -17.53
C LEU A 5 37.12 -10.83 -16.42
N VAL A 6 37.52 -12.05 -16.77
CA VAL A 6 37.59 -13.15 -15.80
C VAL A 6 38.28 -12.78 -14.49
N LEU A 7 39.35 -11.99 -14.58
CA LEU A 7 40.09 -11.57 -13.39
C LEU A 7 39.33 -10.55 -12.56
N LEU A 8 38.97 -9.42 -13.18
CA LEU A 8 38.24 -8.36 -12.49
C LEU A 8 36.92 -8.85 -11.92
N VAL A 9 36.22 -9.69 -12.67
CA VAL A 9 34.95 -10.22 -12.20
C VAL A 9 35.18 -11.23 -11.07
N ALA A 10 36.27 -11.99 -11.18
CA ALA A 10 36.61 -13.01 -10.18
C ALA A 10 36.66 -12.34 -8.82
N VAL A 11 37.51 -11.32 -8.68
CA VAL A 11 37.61 -10.59 -7.43
C VAL A 11 36.23 -10.02 -7.10
N GLY A 12 35.54 -9.55 -8.15
CA GLY A 12 34.22 -8.99 -8.00
C GLY A 12 33.27 -9.86 -7.20
N GLN A 13 33.13 -11.12 -7.63
CA GLN A 13 32.26 -12.06 -6.95
C GLN A 13 32.87 -12.55 -5.66
N MET A 14 34.19 -12.75 -5.65
CA MET A 14 34.88 -13.22 -4.46
C MET A 14 34.50 -12.31 -3.30
N ALA A 15 34.76 -11.02 -3.44
CA ALA A 15 34.43 -10.05 -2.39
C ALA A 15 32.92 -9.99 -2.20
N GLN A 16 32.18 -10.02 -3.30
CA GLN A 16 30.72 -9.95 -3.27
C GLN A 16 30.09 -11.05 -2.39
N THR A 17 29.97 -12.24 -2.94
CA THR A 17 29.38 -13.33 -2.20
C THR A 17 30.06 -13.58 -0.85
N ILE A 18 31.38 -13.46 -0.79
CA ILE A 18 32.09 -13.67 0.47
C ILE A 18 31.67 -12.64 1.50
N TYR A 19 31.24 -11.46 1.06
CA TYR A 19 30.79 -10.46 2.01
C TYR A 19 29.42 -10.89 2.54
N ILE A 20 28.71 -11.72 1.78
CA ILE A 20 27.42 -12.20 2.26
C ILE A 20 27.69 -12.91 3.59
N PRO A 21 28.55 -13.95 3.61
CA PRO A 21 28.77 -14.54 4.93
C PRO A 21 29.46 -13.53 5.84
N ALA A 22 30.53 -12.91 5.36
CA ALA A 22 31.29 -11.93 6.16
C ALA A 22 30.36 -10.96 6.89
N ILE A 23 29.27 -10.57 6.23
CA ILE A 23 28.27 -9.69 6.81
C ILE A 23 27.68 -10.47 7.95
N ALA A 24 27.05 -11.56 7.60
CA ALA A 24 26.45 -12.47 8.53
C ALA A 24 27.32 -12.62 9.79
N ASP A 25 28.61 -12.83 9.57
CA ASP A 25 29.59 -13.01 10.62
C ASP A 25 29.68 -11.78 11.53
N MET A 26 30.40 -10.76 11.06
CA MET A 26 30.60 -9.54 11.81
C MET A 26 29.33 -8.75 12.13
N ALA A 27 28.36 -8.77 11.22
CA ALA A 27 27.09 -8.07 11.43
C ALA A 27 26.33 -8.72 12.57
N ARG A 28 26.39 -10.03 12.68
CA ARG A 28 25.70 -10.72 13.77
C ARG A 28 26.60 -10.67 15.01
N ASP A 29 27.72 -9.96 14.88
CA ASP A 29 28.67 -9.79 15.96
C ASP A 29 28.82 -8.28 16.25
N LEU A 30 27.84 -7.50 15.82
CA LEU A 30 27.89 -6.05 16.05
C LEU A 30 26.67 -5.46 16.76
N ASN A 31 26.56 -4.14 16.70
CA ASN A 31 25.49 -3.37 17.32
C ASN A 31 24.07 -3.81 16.94
N VAL A 32 23.69 -3.59 15.69
CA VAL A 32 22.37 -3.95 15.20
C VAL A 32 22.32 -5.37 14.62
N ARG A 33 22.10 -6.35 15.48
CA ARG A 33 22.04 -7.75 15.05
C ARG A 33 20.88 -8.02 14.09
N GLU A 34 21.14 -8.87 13.10
CA GLU A 34 20.23 -9.29 12.03
C GLU A 34 19.30 -8.30 11.31
N GLY A 35 19.07 -7.12 11.87
CA GLY A 35 18.26 -6.15 11.17
C GLY A 35 19.17 -5.63 10.07
N ALA A 36 20.42 -5.41 10.46
CA ALA A 36 21.47 -4.91 9.60
C ALA A 36 21.76 -5.79 8.39
N VAL A 37 21.83 -7.10 8.58
CA VAL A 37 22.11 -8.00 7.47
C VAL A 37 21.01 -7.83 6.42
N GLN A 38 19.76 -7.73 6.85
CA GLN A 38 18.66 -7.52 5.90
C GLN A 38 18.98 -6.25 5.12
N SER A 39 19.39 -5.22 5.86
CA SER A 39 19.75 -3.93 5.27
C SER A 39 20.90 -4.09 4.28
N VAL A 40 21.82 -5.01 4.58
CA VAL A 40 22.97 -5.27 3.71
C VAL A 40 22.49 -5.71 2.33
N MET A 41 21.44 -6.53 2.29
CA MET A 41 20.89 -6.97 1.02
C MET A 41 20.38 -5.74 0.28
N GLY A 42 19.80 -4.82 1.04
CA GLY A 42 19.32 -3.58 0.45
C GLY A 42 20.51 -2.86 -0.18
N ALA A 43 21.66 -2.98 0.46
CA ALA A 43 22.89 -2.36 -0.03
C ALA A 43 23.29 -2.99 -1.36
N TYR A 44 22.99 -4.28 -1.53
CA TYR A 44 23.30 -4.99 -2.77
C TYR A 44 22.70 -4.19 -3.92
N LEU A 45 21.40 -3.92 -3.84
CA LEU A 45 20.74 -3.16 -4.89
C LEU A 45 21.12 -1.68 -4.92
N LEU A 46 21.65 -1.18 -3.81
CA LEU A 46 22.11 0.21 -3.75
C LEU A 46 23.22 0.32 -4.78
N THR A 47 24.20 -0.58 -4.65
CA THR A 47 25.35 -0.63 -5.53
C THR A 47 24.93 -0.85 -6.98
N TYR A 48 24.45 -2.06 -7.30
CA TYR A 48 24.04 -2.38 -8.66
C TYR A 48 23.10 -1.35 -9.29
N GLY A 49 22.11 -0.91 -8.52
CA GLY A 49 21.15 0.07 -9.01
C GLY A 49 21.81 1.33 -9.52
N VAL A 50 22.46 2.07 -8.63
CA VAL A 50 23.13 3.30 -9.01
C VAL A 50 24.23 3.01 -10.03
N SER A 51 24.72 1.78 -10.02
CA SER A 51 25.77 1.37 -10.96
C SER A 51 25.23 1.35 -12.38
N GLN A 52 24.51 0.29 -12.76
CA GLN A 52 23.96 0.20 -14.11
C GLN A 52 23.44 1.56 -14.58
N LEU A 53 22.73 2.24 -13.69
CA LEU A 53 22.18 3.56 -13.99
C LEU A 53 23.28 4.61 -14.12
N PHE A 54 23.59 5.31 -13.02
CA PHE A 54 24.61 6.35 -13.02
C PHE A 54 26.01 5.91 -13.44
N TYR A 55 26.42 4.70 -13.06
CA TYR A 55 27.72 4.21 -13.48
C TYR A 55 27.64 4.04 -15.01
N GLY A 56 26.42 3.93 -15.53
CA GLY A 56 26.24 3.82 -16.97
C GLY A 56 26.91 5.07 -17.53
N PRO A 57 26.42 6.28 -17.19
CA PRO A 57 27.09 7.47 -17.71
C PRO A 57 28.59 7.47 -17.41
N ILE A 58 28.97 6.91 -16.26
CA ILE A 58 30.38 6.84 -15.88
C ILE A 58 31.12 5.91 -16.84
N SER A 59 30.45 4.86 -17.30
CA SER A 59 31.03 3.90 -18.24
C SER A 59 31.42 4.61 -19.53
N ASP A 60 30.70 5.67 -19.86
CA ASP A 60 31.00 6.43 -21.06
C ASP A 60 31.86 7.66 -20.77
N ARG A 61 33.17 7.45 -20.68
CA ARG A 61 34.13 8.53 -20.42
C ARG A 61 35.53 7.93 -20.29
N VAL A 62 35.80 7.39 -19.11
CA VAL A 62 37.08 6.78 -18.75
C VAL A 62 37.04 6.59 -17.24
N GLY A 63 37.89 5.72 -16.71
CA GLY A 63 37.92 5.53 -15.27
C GLY A 63 37.97 4.09 -14.81
N ARG A 64 37.96 3.15 -15.74
CA ARG A 64 37.99 1.72 -15.40
C ARG A 64 39.19 1.40 -14.51
N ARG A 65 40.39 1.38 -15.10
CA ARG A 65 41.55 1.06 -14.29
C ARG A 65 41.76 1.99 -13.08
N PRO A 66 41.77 3.33 -13.31
CA PRO A 66 41.97 4.26 -12.19
C PRO A 66 40.94 4.13 -11.07
N VAL A 67 39.82 4.82 -11.22
CA VAL A 67 38.77 4.82 -10.21
C VAL A 67 38.23 3.44 -9.87
N ILE A 68 37.74 2.72 -10.86
CA ILE A 68 37.17 1.39 -10.63
C ILE A 68 38.09 0.44 -9.88
N LEU A 69 39.07 -0.16 -10.54
CA LEU A 69 39.91 -1.11 -9.82
C LEU A 69 40.95 -0.55 -8.86
N VAL A 70 41.75 0.42 -9.29
CA VAL A 70 42.76 1.00 -8.40
C VAL A 70 42.09 1.66 -7.19
N GLY A 71 41.05 2.44 -7.44
CA GLY A 71 40.35 3.12 -6.37
C GLY A 71 39.74 2.20 -5.33
N MET A 72 38.73 1.43 -5.74
CA MET A 72 38.07 0.52 -4.80
C MET A 72 39.01 -0.42 -4.07
N SER A 73 40.09 -0.83 -4.73
CA SER A 73 41.06 -1.73 -4.10
C SER A 73 41.83 -1.08 -2.95
N ILE A 74 42.40 0.10 -3.20
CA ILE A 74 43.15 0.79 -2.16
C ILE A 74 42.24 1.04 -0.94
N PHE A 75 40.97 1.31 -1.21
CA PHE A 75 40.00 1.51 -0.14
C PHE A 75 39.93 0.21 0.67
N MET A 76 40.08 -0.92 -0.01
CA MET A 76 40.05 -2.22 0.66
C MET A 76 41.23 -2.40 1.62
N LEU A 77 42.28 -1.61 1.46
CA LEU A 77 43.40 -1.72 2.39
C LEU A 77 42.88 -1.20 3.74
N ALA A 78 42.17 -0.07 3.65
CA ALA A 78 41.56 0.50 4.83
C ALA A 78 40.66 -0.57 5.43
N THR A 79 40.20 -1.48 4.57
CA THR A 79 39.30 -2.57 4.94
C THR A 79 39.55 -3.30 6.27
N LEU A 80 40.31 -4.40 6.38
CA LEU A 80 40.36 -5.03 7.70
C LEU A 80 40.72 -4.17 8.91
N VAL A 81 41.66 -3.25 8.80
CA VAL A 81 41.98 -2.46 9.99
C VAL A 81 40.78 -1.69 10.55
N ALA A 82 40.32 -0.71 9.78
CA ALA A 82 39.19 0.10 10.16
C ALA A 82 37.95 -0.77 10.31
N VAL A 83 37.78 -1.77 9.44
CA VAL A 83 36.60 -2.62 9.53
C VAL A 83 36.56 -3.61 10.68
N THR A 84 37.43 -3.47 11.66
CA THR A 84 37.36 -4.34 12.82
C THR A 84 36.67 -3.49 13.89
N THR A 85 37.38 -2.48 14.39
CA THR A 85 36.81 -1.61 15.39
C THR A 85 35.57 -0.95 14.78
N SER A 86 35.77 -0.38 13.62
CA SER A 86 34.67 0.25 12.94
C SER A 86 33.81 -0.80 12.24
N SER A 87 34.22 -2.09 12.31
CA SER A 87 33.45 -3.20 11.71
C SER A 87 32.08 -2.82 12.09
N LEU A 88 31.85 -2.78 13.40
CA LEU A 88 30.56 -2.39 13.90
C LEU A 88 30.31 -1.03 13.24
N THR A 89 31.06 -0.02 13.66
CA THR A 89 30.88 1.32 13.11
C THR A 89 30.79 1.44 11.58
N VAL A 90 29.58 1.31 11.05
CA VAL A 90 29.35 1.45 9.61
C VAL A 90 30.51 1.04 8.67
N LEU A 91 31.46 0.25 9.16
CA LEU A 91 32.56 -0.19 8.36
C LEU A 91 32.14 -1.55 7.91
N ILE A 92 31.21 -2.16 8.65
CA ILE A 92 30.68 -3.39 8.13
C ILE A 92 29.97 -2.79 6.92
N ALA A 93 29.60 -1.52 6.98
CA ALA A 93 28.92 -0.92 5.85
C ALA A 93 29.82 -0.75 4.63
N ALA A 94 30.92 -0.02 4.80
CA ALA A 94 31.86 0.22 3.71
C ALA A 94 32.34 -1.07 3.04
N SER A 95 32.73 -2.04 3.85
CA SER A 95 33.21 -3.33 3.35
C SER A 95 32.23 -4.00 2.39
N ALA A 96 31.02 -4.27 2.87
CA ALA A 96 29.99 -4.91 2.06
C ALA A 96 29.83 -4.22 0.72
N MET A 97 29.64 -2.91 0.76
CA MET A 97 29.44 -2.12 -0.45
C MET A 97 30.57 -2.31 -1.47
N GLN A 98 31.81 -2.10 -1.05
CA GLN A 98 32.94 -2.25 -1.96
C GLN A 98 33.01 -3.60 -2.66
N GLY A 99 32.59 -4.65 -1.97
CA GLY A 99 32.59 -5.97 -2.57
C GLY A 99 31.74 -5.93 -3.83
N MET A 100 30.49 -5.49 -3.68
CA MET A 100 29.60 -5.39 -4.83
C MET A 100 30.11 -4.34 -5.81
N GLY A 101 31.06 -3.51 -5.37
CA GLY A 101 31.62 -2.49 -6.24
C GLY A 101 32.36 -3.16 -7.37
N THR A 102 33.18 -4.15 -7.02
CA THR A 102 33.91 -4.89 -8.05
C THR A 102 32.83 -5.54 -8.91
N GLY A 103 31.69 -5.83 -8.31
CA GLY A 103 30.57 -6.42 -9.03
C GLY A 103 30.12 -5.47 -10.14
N VAL A 104 30.25 -4.17 -9.89
CA VAL A 104 29.89 -3.14 -10.87
C VAL A 104 30.74 -3.41 -12.12
N GLY A 105 32.00 -3.77 -11.88
CA GLY A 105 32.89 -4.09 -12.98
C GLY A 105 32.23 -5.19 -13.80
N GLY A 106 31.58 -6.11 -13.09
CA GLY A 106 30.88 -7.21 -13.74
C GLY A 106 29.79 -6.72 -14.67
N VAL A 107 29.16 -5.59 -14.32
CA VAL A 107 28.11 -5.01 -15.15
C VAL A 107 28.67 -4.73 -16.55
N MET A 108 29.77 -3.98 -16.61
CA MET A 108 30.40 -3.67 -17.88
C MET A 108 30.77 -4.95 -18.61
N ALA A 109 31.07 -5.99 -17.83
CA ALA A 109 31.43 -7.29 -18.38
C ALA A 109 30.32 -7.86 -19.25
N ARG A 110 29.08 -7.84 -18.80
CA ARG A 110 28.00 -8.36 -19.64
C ARG A 110 27.90 -7.57 -20.95
N THR A 111 28.19 -6.28 -20.88
CA THR A 111 28.13 -5.42 -22.05
C THR A 111 29.01 -5.84 -23.25
N LEU A 112 30.33 -5.74 -23.12
CA LEU A 112 31.21 -6.11 -24.23
C LEU A 112 30.95 -7.53 -24.74
N PRO A 113 30.93 -8.53 -23.85
CA PRO A 113 30.66 -9.87 -24.38
C PRO A 113 29.37 -9.93 -25.20
N ARG A 114 28.47 -8.97 -25.01
CA ARG A 114 27.25 -8.93 -25.82
C ARG A 114 27.65 -8.62 -27.26
N ASP A 115 28.74 -7.86 -27.43
CA ASP A 115 29.23 -7.57 -28.77
C ASP A 115 29.60 -8.94 -29.38
N LEU A 116 30.25 -9.76 -28.56
CA LEU A 116 30.63 -11.11 -28.99
C LEU A 116 29.38 -11.87 -29.41
N TYR A 117 28.23 -11.51 -28.83
CA TYR A 117 26.96 -12.14 -29.18
C TYR A 117 26.67 -11.83 -30.64
N GLU A 118 26.87 -10.58 -31.04
CA GLU A 118 26.63 -10.17 -32.43
C GLU A 118 27.41 -11.06 -33.38
N ARG A 119 28.45 -11.72 -32.87
CA ARG A 119 29.26 -12.60 -33.69
C ARG A 119 28.55 -13.89 -34.14
N THR A 120 27.64 -14.41 -33.32
CA THR A 120 26.92 -15.64 -33.69
C THR A 120 25.49 -15.77 -33.13
N GLN A 121 25.26 -16.76 -32.28
CA GLN A 121 23.95 -17.03 -31.69
C GLN A 121 23.95 -16.92 -30.16
N LEU A 122 25.03 -16.35 -29.62
CA LEU A 122 25.15 -16.18 -28.17
C LEU A 122 24.07 -15.23 -27.66
N ARG A 123 23.67 -15.37 -26.39
CA ARG A 123 22.64 -14.49 -25.84
C ARG A 123 23.04 -13.79 -24.53
N HIS A 124 23.58 -14.54 -23.56
CA HIS A 124 23.98 -13.94 -22.28
C HIS A 124 24.74 -14.87 -21.34
N ALA A 125 24.33 -16.13 -21.32
CA ALA A 125 24.93 -17.15 -20.46
C ALA A 125 26.45 -17.07 -20.41
N ASN A 126 27.07 -16.89 -21.58
CA ASN A 126 28.53 -16.79 -21.70
C ASN A 126 29.23 -15.98 -20.60
N SER A 127 29.04 -14.67 -20.61
CA SER A 127 29.67 -13.81 -19.61
C SER A 127 29.20 -14.16 -18.20
N LEU A 128 27.90 -14.40 -18.04
CA LEU A 128 27.37 -14.74 -16.73
C LEU A 128 27.92 -16.06 -16.17
N LEU A 129 28.25 -16.99 -17.06
CA LEU A 129 28.81 -18.27 -16.65
C LEU A 129 30.20 -18.00 -16.10
N ASN A 130 30.93 -17.12 -16.80
CA ASN A 130 32.28 -16.72 -16.40
C ASN A 130 32.25 -16.35 -14.92
N MET A 131 31.47 -15.33 -14.61
CA MET A 131 31.34 -14.86 -13.24
C MET A 131 30.81 -15.97 -12.33
N GLY A 132 29.56 -16.37 -12.55
CA GLY A 132 28.92 -17.40 -11.75
C GLY A 132 29.80 -18.55 -11.28
N ILE A 133 30.49 -19.19 -12.22
CA ILE A 133 31.35 -20.31 -11.88
C ILE A 133 32.45 -19.91 -10.91
N LEU A 134 33.25 -18.91 -11.25
CA LEU A 134 34.31 -18.46 -10.37
C LEU A 134 33.77 -18.23 -8.95
N VAL A 135 32.57 -17.67 -8.87
CA VAL A 135 31.94 -17.40 -7.59
C VAL A 135 31.79 -18.69 -6.77
N SER A 136 30.85 -19.55 -7.17
CA SER A 136 30.58 -20.79 -6.46
C SER A 136 31.77 -21.51 -5.82
N PRO A 137 32.70 -22.08 -6.61
CA PRO A 137 33.79 -22.73 -5.89
C PRO A 137 34.73 -21.84 -5.09
N LEU A 138 35.41 -20.90 -5.74
CA LEU A 138 36.36 -20.03 -5.03
C LEU A 138 35.86 -19.56 -3.67
N LEU A 139 34.60 -19.17 -3.62
CA LEU A 139 33.97 -18.68 -2.40
C LEU A 139 33.81 -19.77 -1.34
N ALA A 140 33.29 -20.93 -1.73
CA ALA A 140 33.10 -22.04 -0.80
C ALA A 140 34.43 -22.37 -0.10
N PRO A 141 35.43 -22.94 -0.81
CA PRO A 141 36.65 -23.20 -0.04
C PRO A 141 37.40 -21.95 0.43
N LEU A 142 36.81 -20.77 0.25
CA LEU A 142 37.44 -19.54 0.71
C LEU A 142 37.23 -19.53 2.22
N ILE A 143 36.07 -19.02 2.66
CA ILE A 143 35.78 -19.00 4.10
C ILE A 143 35.66 -20.42 4.63
N GLY A 144 34.96 -21.26 3.88
CA GLY A 144 34.80 -22.65 4.28
C GLY A 144 36.14 -23.36 4.27
N GLY A 145 37.09 -22.81 3.52
CA GLY A 145 38.41 -23.38 3.45
C GLY A 145 39.15 -23.31 4.77
N LEU A 146 39.43 -22.10 5.24
CA LEU A 146 40.13 -21.95 6.52
C LEU A 146 39.57 -20.88 7.45
N LEU A 147 38.29 -20.99 7.79
CA LEU A 147 37.61 -20.06 8.69
C LEU A 147 37.72 -18.59 8.26
N ASP A 148 37.75 -17.68 9.24
CA ASP A 148 37.84 -16.25 8.99
C ASP A 148 38.92 -15.89 7.98
N THR A 149 38.51 -15.74 6.73
CA THR A 149 39.42 -15.41 5.66
C THR A 149 39.80 -13.94 5.61
N MET A 150 40.52 -13.50 6.64
CA MET A 150 40.96 -12.11 6.75
C MET A 150 41.87 -11.75 5.59
N TRP A 151 43.15 -12.09 5.70
CA TRP A 151 44.10 -11.78 4.64
C TRP A 151 43.81 -12.54 3.35
N ASN A 152 42.90 -13.51 3.44
CA ASN A 152 42.52 -14.31 2.28
C ASN A 152 41.66 -13.43 1.39
N TRP A 153 40.70 -12.73 1.99
CA TRP A 153 39.84 -11.86 1.21
C TRP A 153 40.73 -10.73 0.69
N ARG A 154 41.71 -10.35 1.50
CA ARG A 154 42.66 -9.30 1.13
C ARG A 154 43.30 -9.75 -0.18
N ALA A 155 43.76 -10.99 -0.18
CA ALA A 155 44.41 -11.60 -1.35
C ALA A 155 43.45 -11.67 -2.52
N CYS A 156 42.40 -12.48 -2.39
CA CYS A 156 41.41 -12.66 -3.45
C CYS A 156 41.02 -11.36 -4.17
N TYR A 157 40.54 -10.37 -3.43
CA TYR A 157 40.14 -9.11 -4.02
C TYR A 157 41.34 -8.40 -4.64
N LEU A 158 42.28 -7.96 -3.81
CA LEU A 158 43.46 -7.25 -4.28
C LEU A 158 44.18 -7.99 -5.40
N PHE A 159 44.68 -9.18 -5.09
CA PHE A 159 45.40 -10.01 -6.06
C PHE A 159 44.71 -10.24 -7.39
N LEU A 160 43.45 -10.68 -7.37
CA LEU A 160 42.72 -10.95 -8.61
C LEU A 160 42.42 -9.66 -9.39
N LEU A 161 42.09 -8.60 -8.66
CA LEU A 161 41.78 -7.32 -9.28
C LEU A 161 43.03 -6.69 -9.89
N VAL A 162 44.12 -6.67 -9.13
CA VAL A 162 45.37 -6.10 -9.64
C VAL A 162 45.94 -7.01 -10.71
N LEU A 163 45.53 -8.28 -10.70
CA LEU A 163 45.97 -9.22 -11.73
C LEU A 163 45.33 -8.70 -13.01
N CYS A 164 44.04 -8.41 -12.90
CA CYS A 164 43.27 -7.87 -14.01
C CYS A 164 43.98 -6.62 -14.49
N ALA A 165 44.18 -5.66 -13.59
CA ALA A 165 44.85 -4.41 -13.91
C ALA A 165 46.16 -4.64 -14.66
N GLY A 166 47.03 -5.46 -14.08
CA GLY A 166 48.31 -5.77 -14.68
C GLY A 166 48.22 -6.30 -16.09
N VAL A 167 47.10 -6.96 -16.41
CA VAL A 167 46.93 -7.51 -17.76
C VAL A 167 45.82 -6.79 -18.54
N THR A 168 45.19 -5.80 -17.93
CA THR A 168 44.14 -5.04 -18.62
C THR A 168 44.76 -3.94 -19.45
N PHE A 169 45.68 -3.20 -18.83
CA PHE A 169 46.38 -2.09 -19.48
C PHE A 169 45.51 -1.28 -20.45
N SER A 170 44.26 -1.04 -20.06
CA SER A 170 43.32 -0.28 -20.88
C SER A 170 42.46 0.61 -19.99
N MET A 171 42.14 1.80 -20.48
CA MET A 171 41.33 2.74 -19.72
C MET A 171 39.83 2.48 -19.89
N ALA A 172 39.39 2.39 -21.14
CA ALA A 172 38.00 2.14 -21.54
C ALA A 172 37.77 2.78 -22.89
N ARG A 173 38.05 2.06 -23.97
CA ARG A 173 37.86 2.58 -25.32
C ARG A 173 36.77 1.82 -26.06
N TRP A 174 36.41 2.32 -27.24
CA TRP A 174 35.36 1.74 -28.10
C TRP A 174 33.95 2.18 -27.68
N MET A 175 33.89 3.22 -26.84
CA MET A 175 32.60 3.73 -26.36
C MET A 175 32.63 5.25 -26.17
N PRO A 176 31.44 5.89 -26.11
CA PRO A 176 31.22 7.33 -25.94
C PRO A 176 31.90 8.01 -24.74
N GLU A 177 31.48 9.24 -24.44
CA GLU A 177 32.08 10.02 -23.35
C GLU A 177 31.16 11.03 -22.64
N THR A 178 31.55 11.37 -21.40
CA THR A 178 30.91 12.35 -20.50
C THR A 178 29.67 12.05 -19.63
N ARG A 179 29.95 11.74 -18.37
CA ARG A 179 28.93 11.47 -17.36
C ARG A 179 28.20 12.76 -16.95
N PRO A 180 28.97 13.85 -16.67
CA PRO A 180 28.39 15.14 -16.27
C PRO A 180 27.32 15.63 -17.22
N VAL A 181 27.41 15.23 -18.48
CA VAL A 181 26.44 15.63 -19.49
C VAL A 181 25.71 14.37 -20.00
N ASP A 182 25.55 13.38 -19.13
CA ASP A 182 24.87 12.14 -19.49
C ASP A 182 23.68 11.78 -18.62
N ALA A 183 23.77 11.99 -17.31
CA ALA A 183 22.70 11.67 -16.37
C ALA A 183 21.27 12.02 -16.84
N PRO A 184 20.41 11.00 -17.04
CA PRO A 184 19.02 11.14 -17.50
C PRO A 184 17.94 11.27 -16.41
N ARG A 185 16.79 11.83 -16.79
CA ARG A 185 15.63 12.05 -15.90
C ARG A 185 14.42 12.55 -16.73
N THR A 186 13.32 11.79 -16.75
CA THR A 186 12.12 12.19 -17.51
C THR A 186 10.85 11.51 -16.95
N ARG A 187 9.74 11.45 -17.73
CA ARG A 187 8.50 10.83 -17.22
C ARG A 187 7.43 10.27 -18.19
N LEU A 188 6.38 9.72 -17.58
CA LEU A 188 5.26 9.15 -18.32
C LEU A 188 4.45 10.18 -19.10
N LEU A 189 4.96 11.40 -19.18
CA LEU A 189 4.30 12.48 -19.93
C LEU A 189 4.12 11.97 -21.35
N THR A 190 5.18 11.34 -21.86
CA THR A 190 5.14 10.76 -23.19
C THR A 190 4.53 9.37 -22.99
N SER A 191 4.80 8.74 -21.85
CA SER A 191 4.24 7.43 -21.58
C SER A 191 2.78 7.44 -21.07
N TYR A 192 1.88 8.05 -21.85
CA TYR A 192 0.46 8.14 -21.49
C TYR A 192 -0.28 6.78 -21.50
N LYS A 193 -0.93 6.44 -22.62
CA LYS A 193 -1.66 5.16 -22.73
C LYS A 193 -0.68 3.99 -22.65
N THR A 194 0.60 4.34 -22.71
CA THR A 194 1.66 3.37 -22.60
C THR A 194 1.46 2.72 -21.23
N LEU A 195 0.65 3.36 -20.38
CA LEU A 195 0.32 2.86 -19.06
C LEU A 195 -0.23 1.45 -19.21
N PHE A 196 -1.13 1.27 -20.17
CA PHE A 196 -1.70 -0.05 -20.41
C PHE A 196 -0.51 -0.97 -20.69
N GLY A 197 0.27 -0.64 -21.71
CA GLY A 197 1.41 -1.45 -22.07
C GLY A 197 2.58 -1.43 -21.08
N ASN A 198 3.36 -0.35 -21.17
CA ASN A 198 4.52 -0.14 -20.32
C ASN A 198 4.26 -0.41 -18.83
N SER A 199 3.16 0.10 -18.29
CA SER A 199 2.88 -0.13 -16.88
C SER A 199 2.56 -1.58 -16.60
N GLY A 200 2.16 -2.33 -17.62
CA GLY A 200 1.91 -3.74 -17.44
C GLY A 200 3.25 -4.32 -17.03
N PHE A 201 4.25 -4.14 -17.89
CA PHE A 201 5.60 -4.62 -17.62
C PHE A 201 6.25 -3.86 -16.47
N ASN A 202 5.83 -2.62 -16.26
CA ASN A 202 6.34 -1.78 -15.19
C ASN A 202 6.04 -2.53 -13.89
N CYS A 203 4.76 -2.77 -13.64
CA CYS A 203 4.32 -3.48 -12.44
C CYS A 203 5.09 -4.79 -12.30
N TYR A 204 5.36 -5.43 -13.44
CA TYR A 204 6.10 -6.69 -13.49
C TYR A 204 7.37 -6.63 -12.66
N LEU A 205 8.46 -6.13 -13.24
CA LEU A 205 9.73 -6.07 -12.54
C LEU A 205 9.77 -5.12 -11.35
N LEU A 206 8.96 -4.07 -11.41
CA LEU A 206 8.88 -3.07 -10.35
C LEU A 206 8.58 -3.82 -9.05
N MET A 207 7.37 -4.35 -8.96
CA MET A 207 6.94 -5.11 -7.79
C MET A 207 7.85 -6.31 -7.56
N LEU A 208 8.18 -7.01 -8.65
CA LEU A 208 9.02 -8.22 -8.59
C LEU A 208 10.23 -8.07 -7.67
N ILE A 209 11.19 -7.25 -8.06
CA ILE A 209 12.38 -7.08 -7.24
C ILE A 209 12.14 -6.29 -5.95
N GLY A 210 11.07 -5.51 -5.90
CA GLY A 210 10.76 -4.74 -4.70
C GLY A 210 10.46 -5.69 -3.56
N GLY A 211 9.39 -6.46 -3.72
CA GLY A 211 9.03 -7.42 -2.70
C GLY A 211 10.18 -8.40 -2.55
N LEU A 212 10.88 -8.64 -3.66
CA LEU A 212 12.02 -9.54 -3.67
C LEU A 212 13.13 -8.99 -2.79
N ALA A 213 13.13 -7.69 -2.55
CA ALA A 213 14.13 -7.06 -1.69
C ALA A 213 13.79 -7.56 -0.29
N GLY A 214 12.49 -7.56 0.03
CA GLY A 214 12.05 -8.04 1.32
C GLY A 214 12.34 -9.54 1.43
N ILE A 215 12.05 -10.26 0.36
CA ILE A 215 12.27 -11.70 0.32
C ILE A 215 13.76 -11.98 0.43
N ALA A 216 14.56 -11.13 -0.19
CA ALA A 216 16.02 -11.26 -0.16
C ALA A 216 16.43 -11.26 1.30
N ALA A 217 15.83 -10.34 2.05
CA ALA A 217 16.07 -10.19 3.47
C ALA A 217 15.88 -11.54 4.17
N PHE A 218 14.76 -12.18 3.90
CA PHE A 218 14.42 -13.49 4.47
C PHE A 218 15.44 -14.58 4.14
N GLU A 219 15.43 -14.98 2.88
CA GLU A 219 16.29 -16.03 2.35
C GLU A 219 17.76 -15.95 2.79
N ALA A 220 18.38 -14.79 2.58
CA ALA A 220 19.78 -14.59 2.96
C ALA A 220 19.96 -14.44 4.46
N CYS A 221 18.85 -14.24 5.18
CA CYS A 221 18.89 -14.06 6.63
C CYS A 221 19.20 -15.36 7.37
N SER A 222 18.47 -16.42 7.07
CA SER A 222 18.66 -17.70 7.75
C SER A 222 20.10 -18.25 7.73
N GLY A 223 20.57 -18.64 8.92
CA GLY A 223 21.91 -19.18 9.08
C GLY A 223 22.42 -19.02 10.50
N VAL A 224 23.71 -19.32 10.70
CA VAL A 224 24.38 -19.19 12.01
C VAL A 224 25.53 -18.35 11.50
N LEU A 225 25.21 -17.09 11.36
CA LEU A 225 26.06 -16.18 10.66
C LEU A 225 27.57 -16.38 10.35
N MET A 226 28.47 -16.85 11.23
CA MET A 226 29.83 -17.17 10.72
C MET A 226 29.61 -18.54 10.03
N GLY A 227 30.01 -19.62 10.69
CA GLY A 227 29.80 -20.98 10.17
C GLY A 227 30.06 -21.36 8.72
N ALA A 228 30.22 -22.66 8.51
CA ALA A 228 30.48 -23.19 7.18
C ALA A 228 29.28 -22.92 6.28
N VAL A 229 28.08 -22.98 6.86
CA VAL A 229 26.84 -22.74 6.13
C VAL A 229 26.79 -21.35 5.50
N LEU A 230 27.19 -20.33 6.24
CA LEU A 230 27.18 -18.97 5.70
C LEU A 230 28.27 -18.76 4.67
N GLY A 231 29.45 -19.31 4.92
CA GLY A 231 30.52 -19.19 3.94
C GLY A 231 29.97 -19.87 2.71
N LEU A 232 29.27 -20.96 2.97
CA LEU A 232 28.64 -21.74 1.91
C LEU A 232 27.30 -21.13 1.50
N SER A 233 26.91 -20.02 2.12
CA SER A 233 25.69 -19.33 1.74
C SER A 233 26.15 -18.67 0.46
N SER A 234 27.38 -18.15 0.52
CA SER A 234 28.02 -17.52 -0.62
C SER A 234 28.09 -18.61 -1.69
N MET A 235 28.55 -19.79 -1.29
CA MET A 235 28.66 -20.92 -2.19
C MET A 235 27.31 -21.34 -2.81
N THR A 236 26.38 -21.75 -1.96
CA THR A 236 25.06 -22.19 -2.39
C THR A 236 24.38 -21.19 -3.32
N VAL A 237 24.32 -19.94 -2.90
CA VAL A 237 23.69 -18.89 -3.69
C VAL A 237 24.31 -18.88 -5.09
N SER A 238 25.63 -18.97 -5.17
CA SER A 238 26.33 -18.96 -6.45
C SER A 238 26.14 -20.24 -7.26
N ILE A 239 26.06 -21.38 -6.59
CA ILE A 239 25.85 -22.66 -7.27
C ILE A 239 24.56 -22.53 -8.07
N LEU A 240 23.54 -21.99 -7.43
CA LEU A 240 22.27 -21.80 -8.08
C LEU A 240 22.30 -20.65 -9.08
N PHE A 241 23.27 -19.75 -8.94
CA PHE A 241 23.38 -18.67 -9.92
C PHE A 241 23.68 -19.36 -11.24
N ILE A 242 24.58 -20.34 -11.18
CA ILE A 242 24.99 -21.09 -12.37
C ILE A 242 23.86 -21.88 -13.05
N LEU A 243 23.12 -22.70 -12.32
CA LEU A 243 22.06 -23.48 -12.97
C LEU A 243 21.05 -22.55 -13.67
N PRO A 244 20.34 -21.69 -12.92
CA PRO A 244 19.40 -20.82 -13.62
C PRO A 244 19.94 -19.99 -14.79
N ILE A 245 21.25 -19.72 -14.87
CA ILE A 245 21.72 -18.94 -16.00
C ILE A 245 21.59 -19.67 -17.36
N PRO A 246 22.09 -20.92 -17.51
CA PRO A 246 21.84 -21.45 -18.85
C PRO A 246 20.34 -21.65 -19.02
N ALA A 247 19.65 -21.89 -17.90
CA ALA A 247 18.21 -22.05 -17.91
C ALA A 247 17.61 -20.73 -18.38
N ALA A 248 18.32 -19.63 -18.09
CA ALA A 248 17.89 -18.29 -18.46
C ALA A 248 18.11 -18.04 -19.96
N PHE A 249 19.00 -18.83 -20.57
CA PHE A 249 19.29 -18.74 -22.00
C PHE A 249 17.94 -19.08 -22.63
N PHE A 250 17.52 -20.32 -22.44
CA PHE A 250 16.22 -20.76 -22.95
C PHE A 250 15.14 -19.97 -22.19
N GLY A 251 15.51 -19.48 -21.02
CA GLY A 251 14.61 -18.71 -20.18
C GLY A 251 14.27 -17.35 -20.77
N ALA A 252 15.16 -16.81 -21.58
CA ALA A 252 14.93 -15.51 -22.23
C ALA A 252 13.83 -15.80 -23.23
N TRP A 253 13.98 -16.90 -23.96
CA TRP A 253 12.99 -17.28 -24.95
C TRP A 253 11.69 -17.58 -24.18
N PHE A 254 11.86 -17.98 -22.92
CA PHE A 254 10.72 -18.28 -22.04
C PHE A 254 10.12 -16.95 -21.55
N ALA A 255 10.97 -15.93 -21.45
CA ALA A 255 10.55 -14.59 -21.03
C ALA A 255 9.39 -14.28 -21.95
N GLY A 256 9.57 -14.68 -23.21
CA GLY A 256 8.49 -14.54 -24.15
C GLY A 256 7.49 -15.46 -23.48
N ARG A 257 7.76 -16.77 -23.53
CA ARG A 257 6.88 -17.78 -22.93
C ARG A 257 6.07 -17.29 -21.73
N PRO A 258 4.72 -17.33 -21.93
CA PRO A 258 3.65 -16.93 -21.05
C PRO A 258 4.17 -15.82 -20.17
N ASN A 259 4.95 -14.97 -20.83
CA ASN A 259 5.67 -13.87 -20.23
C ASN A 259 6.44 -14.60 -19.12
N LYS A 260 7.77 -14.57 -19.15
CA LYS A 260 8.60 -15.25 -18.13
C LYS A 260 7.97 -15.15 -16.74
N ARG A 261 6.95 -14.30 -16.63
CA ARG A 261 6.18 -14.11 -15.44
C ARG A 261 5.58 -15.41 -14.99
N PHE A 262 5.14 -16.24 -15.92
CA PHE A 262 4.59 -17.54 -15.54
C PHE A 262 5.68 -18.15 -14.67
N SER A 263 6.93 -17.97 -15.07
CA SER A 263 8.04 -18.52 -14.30
C SER A 263 8.09 -17.93 -12.89
N THR A 264 8.33 -16.62 -12.82
CA THR A 264 8.41 -15.90 -11.55
C THR A 264 7.21 -16.20 -10.65
N LEU A 265 6.03 -16.17 -11.25
CA LEU A 265 4.75 -16.42 -10.60
C LEU A 265 4.81 -17.70 -9.75
N MET A 266 4.81 -18.83 -10.44
CA MET A 266 4.84 -20.13 -9.81
C MET A 266 6.03 -20.29 -8.86
N TRP A 267 7.18 -19.79 -9.26
CA TRP A 267 8.38 -19.91 -8.45
C TRP A 267 8.31 -19.32 -7.05
N GLN A 268 8.10 -18.00 -6.95
CA GLN A 268 8.02 -17.35 -5.64
C GLN A 268 6.95 -18.04 -4.79
N SER A 269 5.85 -18.43 -5.42
CA SER A 269 4.78 -19.12 -4.71
C SER A 269 5.33 -20.41 -4.12
N VAL A 270 6.08 -21.16 -4.94
CA VAL A 270 6.69 -22.40 -4.51
C VAL A 270 7.73 -22.14 -3.41
N ILE A 271 8.38 -20.98 -3.46
CA ILE A 271 9.37 -20.61 -2.45
C ILE A 271 8.66 -20.70 -1.10
N CYS A 272 7.45 -20.15 -1.04
CA CYS A 272 6.65 -20.18 0.17
C CYS A 272 6.30 -21.61 0.55
N CYS A 273 5.99 -22.44 -0.45
CA CYS A 273 5.64 -23.83 -0.18
C CYS A 273 6.81 -24.50 0.57
N LEU A 274 8.03 -24.26 0.08
CA LEU A 274 9.21 -24.82 0.72
C LEU A 274 9.44 -24.15 2.07
N LEU A 275 9.03 -22.89 2.19
CA LEU A 275 9.16 -22.13 3.44
C LEU A 275 8.53 -22.95 4.56
N ALA A 276 7.48 -23.69 4.22
CA ALA A 276 6.80 -24.55 5.18
C ALA A 276 6.73 -25.96 4.60
N GLY A 277 7.84 -26.37 3.98
CA GLY A 277 7.90 -27.69 3.35
C GLY A 277 8.59 -28.79 4.13
N LEU A 278 9.91 -28.93 3.95
CA LEU A 278 10.66 -29.99 4.63
C LEU A 278 11.68 -29.53 5.67
N LEU A 279 12.66 -30.39 5.94
CA LEU A 279 13.70 -30.12 6.93
C LEU A 279 14.73 -29.08 6.48
N MET A 280 14.83 -28.02 7.28
CA MET A 280 15.73 -26.87 7.07
C MET A 280 16.26 -26.48 5.69
N TRP A 281 17.28 -27.18 5.20
CA TRP A 281 17.90 -26.88 3.89
C TRP A 281 17.05 -26.25 2.78
N ILE A 282 16.37 -27.10 2.01
CA ILE A 282 15.56 -26.65 0.88
C ILE A 282 14.76 -25.36 0.97
N PRO A 283 14.01 -25.12 2.07
CA PRO A 283 13.21 -23.89 2.22
C PRO A 283 13.80 -22.57 1.70
N ASP A 284 14.33 -21.74 2.61
CA ASP A 284 14.87 -20.45 2.22
C ASP A 284 16.15 -20.49 1.37
N TRP A 285 16.88 -21.59 1.44
CA TRP A 285 18.12 -21.70 0.66
C TRP A 285 17.70 -21.68 -0.81
N PHE A 286 16.60 -22.38 -1.10
CA PHE A 286 16.03 -22.42 -2.44
C PHE A 286 15.49 -21.02 -2.73
N GLY A 287 15.07 -20.33 -1.66
CA GLY A 287 14.55 -18.98 -1.81
C GLY A 287 15.51 -18.09 -2.57
N VAL A 288 16.76 -18.03 -2.10
CA VAL A 288 17.76 -17.19 -2.76
C VAL A 288 17.96 -17.66 -4.21
N MET A 289 18.06 -18.97 -4.39
CA MET A 289 18.23 -19.57 -5.71
C MET A 289 17.28 -18.94 -6.71
N ASN A 290 15.99 -19.09 -6.45
CA ASN A 290 14.95 -18.56 -7.31
C ASN A 290 15.07 -17.07 -7.56
N VAL A 291 15.25 -16.29 -6.51
CA VAL A 291 15.38 -14.84 -6.64
C VAL A 291 16.33 -14.44 -7.77
N TRP A 292 17.55 -14.95 -7.73
CA TRP A 292 18.52 -14.63 -8.76
C TRP A 292 18.04 -15.08 -10.13
N THR A 293 17.40 -16.25 -10.18
CA THR A 293 16.87 -16.78 -11.44
C THR A 293 16.05 -15.68 -12.09
N LEU A 294 14.97 -15.30 -11.43
CA LEU A 294 14.05 -14.27 -11.90
C LEU A 294 14.81 -13.05 -12.41
N LEU A 295 15.72 -12.55 -11.57
CA LEU A 295 16.53 -11.38 -11.88
C LEU A 295 17.20 -11.43 -13.26
N VAL A 296 17.90 -12.52 -13.56
CA VAL A 296 18.61 -12.65 -14.82
C VAL A 296 17.75 -12.64 -16.09
N PRO A 297 16.91 -13.68 -16.33
CA PRO A 297 16.12 -13.58 -17.55
C PRO A 297 15.30 -12.30 -17.67
N ALA A 298 14.88 -11.75 -16.53
CA ALA A 298 14.11 -10.52 -16.50
C ALA A 298 14.95 -9.41 -17.11
N ALA A 299 16.15 -9.22 -16.56
CA ALA A 299 17.07 -8.20 -17.02
C ALA A 299 17.56 -8.50 -18.44
N LEU A 300 17.27 -9.70 -18.94
CA LEU A 300 17.68 -10.10 -20.27
C LEU A 300 16.77 -9.49 -21.33
N PHE A 301 15.50 -9.88 -21.34
CA PHE A 301 14.55 -9.34 -22.32
C PHE A 301 14.47 -7.82 -22.12
N PHE A 302 14.61 -7.40 -20.86
CA PHE A 302 14.58 -5.99 -20.49
C PHE A 302 15.77 -5.26 -21.10
N PHE A 303 16.94 -5.85 -20.98
CA PHE A 303 18.18 -5.27 -21.49
C PHE A 303 18.05 -4.88 -22.96
N GLY A 304 17.72 -5.86 -23.80
CA GLY A 304 17.59 -5.59 -25.22
C GLY A 304 16.40 -4.71 -25.59
N ALA A 305 15.21 -5.28 -25.51
CA ALA A 305 13.97 -4.59 -25.86
C ALA A 305 13.72 -3.31 -25.06
N GLY A 306 14.50 -3.10 -24.02
CA GLY A 306 14.34 -1.91 -23.21
C GLY A 306 15.33 -0.82 -23.58
N MET A 307 16.61 -1.11 -23.37
CA MET A 307 17.67 -0.13 -23.64
C MET A 307 17.92 0.34 -25.07
N LEU A 308 17.44 -0.36 -26.08
CA LEU A 308 17.71 0.09 -27.46
C LEU A 308 16.74 1.06 -28.13
N PHE A 309 15.55 1.25 -27.56
CA PHE A 309 14.56 2.18 -28.12
C PHE A 309 14.80 3.57 -27.52
N PRO A 310 13.96 4.58 -27.88
CA PRO A 310 14.14 5.93 -27.32
C PRO A 310 14.00 5.76 -25.81
N LEU A 311 13.46 4.59 -25.46
CA LEU A 311 13.31 4.18 -24.09
C LEU A 311 14.71 3.67 -23.72
N ALA A 312 15.72 4.48 -24.03
CA ALA A 312 17.11 4.19 -23.70
C ALA A 312 17.28 5.07 -22.48
N THR A 313 16.84 6.32 -22.63
CA THR A 313 16.86 7.28 -21.54
C THR A 313 15.68 6.82 -20.71
N SER A 314 14.56 6.55 -21.37
CA SER A 314 13.36 6.09 -20.69
C SER A 314 13.56 4.64 -20.23
N GLY A 315 14.47 3.94 -20.89
CA GLY A 315 14.76 2.56 -20.54
C GLY A 315 15.61 2.50 -19.30
N ALA A 316 16.65 3.31 -19.27
CA ALA A 316 17.53 3.37 -18.11
C ALA A 316 16.56 3.57 -16.96
N MET A 317 15.64 4.51 -17.16
CA MET A 317 14.61 4.84 -16.18
C MET A 317 13.79 3.63 -15.73
N GLU A 318 13.21 2.87 -16.66
CA GLU A 318 12.40 1.72 -16.28
C GLU A 318 13.12 0.61 -15.49
N PRO A 319 13.91 -0.26 -16.15
CA PRO A 319 14.53 -1.26 -15.27
C PRO A 319 15.38 -0.73 -14.11
N PHE A 320 16.28 0.20 -14.39
CA PHE A 320 17.14 0.71 -13.33
C PHE A 320 16.43 1.54 -12.23
N PRO A 321 16.09 2.83 -12.48
CA PRO A 321 15.42 3.56 -11.41
C PRO A 321 14.13 2.94 -10.86
N PHE A 322 13.25 2.50 -11.75
CA PHE A 322 12.00 1.90 -11.29
C PHE A 322 12.19 0.67 -10.43
N LEU A 323 12.83 -0.36 -10.97
CA LEU A 323 13.07 -1.59 -10.21
C LEU A 323 13.86 -1.28 -8.94
N ALA A 324 15.11 -0.85 -9.10
CA ALA A 324 15.97 -0.52 -7.97
C ALA A 324 15.24 0.35 -6.95
N GLY A 325 14.40 1.26 -7.46
CA GLY A 325 13.64 2.14 -6.58
C GLY A 325 12.70 1.36 -5.69
N THR A 326 11.99 0.39 -6.28
CA THR A 326 11.05 -0.44 -5.52
C THR A 326 11.82 -1.15 -4.41
N ALA A 327 13.01 -1.62 -4.74
CA ALA A 327 13.86 -2.31 -3.78
C ALA A 327 14.11 -1.40 -2.59
N GLY A 328 14.50 -0.16 -2.88
CA GLY A 328 14.76 0.82 -1.84
C GLY A 328 13.56 0.99 -0.93
N ALA A 329 12.38 1.02 -1.52
CA ALA A 329 11.13 1.19 -0.76
C ALA A 329 11.00 0.09 0.29
N LEU A 330 11.06 -1.17 -0.16
CA LEU A 330 10.95 -2.30 0.75
C LEU A 330 12.03 -2.28 1.83
N VAL A 331 13.25 -1.91 1.43
CA VAL A 331 14.37 -1.86 2.37
C VAL A 331 14.07 -0.89 3.52
N GLY A 332 13.51 0.27 3.20
CA GLY A 332 13.16 1.24 4.23
C GLY A 332 12.15 0.61 5.17
N GLY A 333 11.17 -0.06 4.58
CA GLY A 333 10.15 -0.72 5.36
C GLY A 333 10.82 -1.65 6.34
N LEU A 334 11.90 -2.31 5.90
CA LEU A 334 12.67 -3.22 6.75
C LEU A 334 13.25 -2.52 7.97
N GLN A 335 13.83 -1.34 7.75
CA GLN A 335 14.39 -0.54 8.84
C GLN A 335 13.39 -0.52 10.00
N ASN A 336 12.21 0.02 9.73
CA ASN A 336 11.20 0.08 10.75
C ASN A 336 10.46 -1.23 10.94
N ILE A 337 10.63 -2.18 10.01
CA ILE A 337 9.95 -3.46 10.15
C ILE A 337 10.50 -4.15 11.39
N GLY A 338 11.82 -4.13 11.55
CA GLY A 338 12.44 -4.76 12.71
C GLY A 338 12.05 -3.99 13.96
N SER A 339 12.33 -2.69 13.94
CA SER A 339 12.02 -1.81 15.06
C SER A 339 10.56 -1.94 15.49
N GLY A 340 9.72 -2.40 14.55
CA GLY A 340 8.31 -2.58 14.84
C GLY A 340 7.88 -4.04 14.81
N VAL A 341 8.81 -4.93 14.45
CA VAL A 341 8.53 -6.36 14.38
C VAL A 341 8.56 -6.97 15.78
N LEU A 342 8.66 -6.10 16.78
CA LEU A 342 8.67 -6.48 18.18
C LEU A 342 7.58 -7.50 18.60
N ALA A 343 6.68 -7.86 17.68
CA ALA A 343 5.59 -8.83 17.93
C ALA A 343 6.03 -10.22 18.12
N SER A 344 6.95 -10.39 19.03
CA SER A 344 7.54 -11.68 19.24
C SER A 344 6.99 -13.03 18.87
N LEU A 345 7.30 -13.31 17.62
CA LEU A 345 7.26 -14.60 16.90
C LEU A 345 7.59 -14.16 15.47
N SER A 346 6.57 -13.32 15.17
CA SER A 346 6.01 -12.48 14.07
C SER A 346 5.41 -12.95 12.75
N ALA A 347 4.89 -14.17 12.78
CA ALA A 347 4.30 -14.83 11.61
C ALA A 347 3.75 -14.09 10.39
N MET A 348 2.44 -13.89 10.34
CA MET A 348 1.80 -13.26 9.19
C MET A 348 2.33 -11.91 8.74
N LEU A 349 3.05 -11.20 9.61
CA LEU A 349 3.59 -9.90 9.23
C LEU A 349 4.72 -10.05 8.19
N PRO A 350 5.93 -10.50 8.61
CA PRO A 350 6.91 -10.61 7.53
C PRO A 350 6.48 -11.60 6.45
N GLN A 351 5.71 -12.61 6.85
CA GLN A 351 5.23 -13.60 5.89
C GLN A 351 4.30 -12.95 4.87
N THR A 352 3.57 -11.92 5.30
CA THR A 352 2.66 -11.23 4.39
C THR A 352 3.51 -10.57 3.31
N GLY A 353 4.66 -10.03 3.69
CA GLY A 353 5.53 -9.40 2.72
C GLY A 353 6.01 -10.41 1.69
N GLN A 354 6.68 -11.45 2.17
CA GLN A 354 7.19 -12.52 1.34
C GLN A 354 6.10 -13.08 0.41
N GLY A 355 5.06 -13.63 1.04
CA GLY A 355 3.94 -14.19 0.30
C GLY A 355 3.28 -13.20 -0.64
N SER A 356 3.23 -11.94 -0.24
CA SER A 356 2.62 -10.90 -1.07
C SER A 356 3.30 -10.85 -2.43
N LEU A 357 4.62 -10.66 -2.43
CA LEU A 357 5.35 -10.60 -3.68
C LEU A 357 5.15 -11.87 -4.53
N GLY A 358 5.10 -13.02 -3.87
CA GLY A 358 4.90 -14.26 -4.59
C GLY A 358 3.60 -14.23 -5.39
N LEU A 359 2.49 -14.12 -4.67
CA LEU A 359 1.17 -14.07 -5.29
C LEU A 359 0.95 -12.84 -6.15
N LEU A 360 1.67 -11.76 -5.83
CA LEU A 360 1.59 -10.51 -6.56
C LEU A 360 2.04 -10.80 -7.99
N MET A 361 3.14 -11.55 -8.10
CA MET A 361 3.67 -11.91 -9.40
C MET A 361 2.72 -12.89 -10.10
N THR A 362 1.94 -13.63 -9.30
CA THR A 362 0.99 -14.58 -9.85
C THR A 362 -0.05 -13.84 -10.70
N LEU A 363 -0.77 -12.93 -10.05
CA LEU A 363 -1.79 -12.13 -10.72
C LEU A 363 -1.21 -11.39 -11.92
N MET A 364 -0.10 -10.70 -11.71
CA MET A 364 0.55 -9.95 -12.78
C MET A 364 0.93 -10.87 -13.93
N GLY A 365 1.39 -12.07 -13.58
CA GLY A 365 1.79 -13.04 -14.57
C GLY A 365 0.77 -13.30 -15.65
N LEU A 366 -0.31 -13.98 -15.31
CA LEU A 366 -1.36 -14.29 -16.29
C LEU A 366 -1.97 -13.03 -16.91
N LEU A 367 -2.25 -12.04 -16.06
CA LEU A 367 -2.86 -10.79 -16.50
C LEU A 367 -2.13 -10.13 -17.66
N ILE A 368 -0.80 -10.22 -17.65
CA ILE A 368 -0.01 -9.61 -18.71
C ILE A 368 0.07 -10.55 -19.92
N VAL A 369 0.04 -11.86 -19.66
CA VAL A 369 0.10 -12.87 -20.72
C VAL A 369 -0.95 -12.61 -21.80
N LEU A 370 -2.04 -11.93 -21.41
CA LEU A 370 -3.12 -11.64 -22.34
C LEU A 370 -2.92 -10.55 -23.40
N CYS A 371 -2.30 -9.44 -23.04
CA CYS A 371 -2.09 -8.34 -23.99
C CYS A 371 -0.96 -8.57 -25.00
N TRP A 372 -1.18 -8.11 -26.23
CA TRP A 372 -0.18 -8.26 -27.29
C TRP A 372 -0.49 -7.32 -28.46
N LEU A 373 0.37 -6.34 -28.67
CA LEU A 373 0.22 -5.36 -29.74
C LEU A 373 1.61 -4.90 -30.19
N PRO A 374 1.80 -4.70 -31.50
CA PRO A 374 3.10 -4.26 -32.05
C PRO A 374 3.38 -2.79 -31.77
N LEU A 375 3.13 -1.94 -32.77
CA LEU A 375 3.34 -0.50 -32.64
C LEU A 375 2.21 0.23 -33.35
N LEU B 1 -46.06 13.60 4.06
CA LEU B 1 -44.82 13.89 3.31
C LEU B 1 -43.75 14.41 4.29
N LEU B 2 -43.49 15.71 4.22
CA LEU B 2 -42.49 16.39 5.07
C LEU B 2 -42.39 15.88 6.50
N LEU B 3 -43.49 15.94 7.24
CA LEU B 3 -43.53 15.51 8.63
C LEU B 3 -43.20 14.04 8.82
N MET B 4 -43.60 13.21 7.86
CA MET B 4 -43.33 11.77 7.92
C MET B 4 -41.81 11.64 7.98
N LEU B 5 -41.12 12.43 7.16
CA LEU B 5 -39.68 12.43 7.12
C LEU B 5 -39.11 12.84 8.47
N VAL B 6 -39.49 14.03 8.94
CA VAL B 6 -38.99 14.54 10.22
C VAL B 6 -39.07 13.54 11.37
N LEU B 7 -40.16 12.76 11.41
CA LEU B 7 -40.34 11.77 12.47
C LEU B 7 -39.40 10.57 12.30
N LEU B 8 -39.48 9.90 11.16
CA LEU B 8 -38.64 8.73 10.88
C LEU B 8 -37.16 9.07 10.97
N VAL B 9 -36.78 10.23 10.45
CA VAL B 9 -35.38 10.63 10.50
C VAL B 9 -34.98 10.99 11.93
N ALA B 10 -35.90 11.59 12.68
CA ALA B 10 -35.65 11.98 14.06
C ALA B 10 -35.17 10.76 14.83
N VAL B 11 -35.97 9.71 14.85
CA VAL B 11 -35.60 8.48 15.53
C VAL B 11 -34.28 7.98 14.91
N GLY B 12 -34.19 8.13 13.58
CA GLY B 12 -33.00 7.71 12.86
C GLY B 12 -31.71 8.24 13.45
N GLN B 13 -31.64 9.55 13.63
CA GLN B 13 -30.45 10.17 14.19
C GLN B 13 -30.37 9.95 15.69
N MET B 14 -31.52 9.97 16.37
CA MET B 14 -31.55 9.76 17.81
C MET B 14 -30.80 8.48 18.14
N ALA B 15 -31.24 7.38 17.54
CA ALA B 15 -30.60 6.09 17.77
C ALA B 15 -29.17 6.11 17.22
N GLN B 16 -28.99 6.72 16.06
CA GLN B 16 -27.68 6.81 15.41
C GLN B 16 -26.62 7.45 16.31
N THR B 17 -26.63 8.77 16.37
CA THR B 17 -25.64 9.47 17.17
C THR B 17 -25.63 9.00 18.64
N ILE B 18 -26.80 8.71 19.21
CA ILE B 18 -26.83 8.25 20.59
C ILE B 18 -26.12 6.91 20.74
N TYR B 19 -26.06 6.12 19.66
CA TYR B 19 -25.35 4.86 19.75
C TYR B 19 -23.86 5.15 19.75
N ILE B 20 -23.46 6.31 19.23
CA ILE B 20 -22.05 6.68 19.24
C ILE B 20 -21.63 6.66 20.71
N PRO B 21 -22.27 7.47 21.58
CA PRO B 21 -21.81 7.37 22.96
C PRO B 21 -22.13 5.99 23.53
N ALA B 22 -23.37 5.53 23.34
CA ALA B 22 -23.79 4.21 23.83
C ALA B 22 -22.74 3.14 23.56
N ILE B 23 -22.12 3.22 22.38
CA ILE B 23 -21.08 2.28 21.99
C ILE B 23 -19.95 2.53 22.96
N ALA B 24 -19.42 3.73 22.91
CA ALA B 24 -18.37 4.17 23.78
C ALA B 24 -18.58 3.64 25.21
N ASP B 25 -19.81 3.77 25.70
CA ASP B 25 -20.19 3.33 27.03
C ASP B 25 -20.01 1.83 27.22
N MET B 26 -20.97 1.06 26.70
CA MET B 26 -20.95 -0.39 26.82
C MET B 26 -19.76 -1.08 26.14
N ALA B 27 -19.30 -0.54 25.02
CA ALA B 27 -18.17 -1.12 24.31
C ALA B 27 -16.90 -0.97 25.14
N ARG B 28 -16.76 0.15 25.85
CA ARG B 28 -15.59 0.33 26.71
C ARG B 28 -15.84 -0.38 28.04
N ASP B 29 -16.97 -1.07 28.11
CA ASP B 29 -17.37 -1.83 29.28
C ASP B 29 -17.53 -3.30 28.89
N LEU B 30 -16.94 -3.69 27.77
CA LEU B 30 -17.04 -5.08 27.30
C LEU B 30 -15.71 -5.78 27.04
N ASN B 31 -15.79 -6.91 26.34
CA ASN B 31 -14.65 -7.75 26.00
C ASN B 31 -13.51 -7.02 25.28
N VAL B 32 -13.76 -6.61 24.05
CA VAL B 32 -12.75 -5.90 23.25
C VAL B 32 -12.80 -4.39 23.42
N ARG B 33 -12.12 -3.89 24.45
CA ARG B 33 -12.10 -2.45 24.72
C ARG B 33 -11.46 -1.65 23.59
N GLU B 34 -12.03 -0.47 23.33
CA GLU B 34 -11.65 0.50 22.29
C GLU B 34 -11.26 0.05 20.86
N GLY B 35 -10.94 -1.22 20.67
CA GLY B 35 -10.63 -1.66 19.32
C GLY B 35 -11.99 -1.73 18.64
N ALA B 36 -12.94 -2.24 19.40
CA ALA B 36 -14.32 -2.41 18.95
C ALA B 36 -15.02 -1.12 18.55
N VAL B 37 -14.84 -0.06 19.34
CA VAL B 37 -15.49 1.21 19.01
C VAL B 37 -14.99 1.67 17.64
N GLN B 38 -13.70 1.53 17.37
CA GLN B 38 -13.18 1.90 16.05
C GLN B 38 -13.95 1.09 15.01
N SER B 39 -14.10 -0.20 15.29
CA SER B 39 -14.81 -1.11 14.41
C SER B 39 -16.26 -0.65 14.23
N VAL B 40 -16.85 -0.08 15.28
CA VAL B 40 -18.22 0.41 15.23
C VAL B 40 -18.36 1.48 14.16
N MET B 41 -17.36 2.34 14.04
CA MET B 41 -17.38 3.38 13.02
C MET B 41 -17.39 2.68 11.66
N GLY B 42 -16.65 1.59 11.56
CA GLY B 42 -16.61 0.81 10.34
C GLY B 42 -18.03 0.34 10.04
N ALA B 43 -18.75 0.01 11.11
CA ALA B 43 -20.14 -0.45 10.99
C ALA B 43 -21.02 0.66 10.42
N TYR B 44 -20.68 1.91 10.75
CA TYR B 44 -21.43 3.06 10.25
C TYR B 44 -21.49 2.96 8.73
N LEU B 45 -20.33 2.83 8.10
CA LEU B 45 -20.30 2.71 6.65
C LEU B 45 -20.81 1.38 6.12
N LEU B 46 -20.85 0.37 6.98
CA LEU B 46 -21.37 -0.94 6.59
C LEU B 46 -22.84 -0.71 6.25
N THR B 47 -23.54 -0.07 7.18
CA THR B 47 -24.95 0.24 7.04
C THR B 47 -25.19 1.14 5.83
N TYR B 48 -24.77 2.41 5.93
CA TYR B 48 -24.98 3.36 4.84
C TYR B 48 -24.53 2.84 3.47
N GLY B 49 -23.37 2.22 3.43
CA GLY B 49 -22.84 1.68 2.18
C GLY B 49 -23.79 0.73 1.49
N VAL B 50 -24.06 -0.40 2.13
CA VAL B 50 -24.97 -1.40 1.57
C VAL B 50 -26.36 -0.81 1.40
N SER B 51 -26.66 0.22 2.19
CA SER B 51 -27.95 0.89 2.11
C SER B 51 -28.11 1.62 0.79
N GLN B 52 -27.52 2.81 0.66
CA GLN B 52 -27.62 3.56 -0.58
C GLN B 52 -27.52 2.64 -1.79
N LEU B 53 -26.56 1.72 -1.74
CA LEU B 53 -26.35 0.75 -2.81
C LEU B 53 -27.50 -0.25 -2.90
N PHE B 54 -27.37 -1.39 -2.23
CA PHE B 54 -28.40 -2.44 -2.26
C PHE B 54 -29.78 -2.02 -1.77
N TYR B 55 -29.83 -1.17 -0.74
CA TYR B 55 -31.12 -0.70 -0.27
C TYR B 55 -31.70 0.15 -1.40
N GLY B 56 -30.84 0.64 -2.30
CA GLY B 56 -31.32 1.41 -3.44
C GLY B 56 -32.31 0.49 -4.14
N PRO B 57 -31.85 -0.68 -4.64
CA PRO B 57 -32.80 -1.58 -5.29
C PRO B 57 -34.00 -1.89 -4.40
N ILE B 58 -33.77 -1.96 -3.09
CA ILE B 58 -34.85 -2.23 -2.14
C ILE B 58 -35.83 -1.06 -2.12
N SER B 59 -35.32 0.15 -2.31
CA SER B 59 -36.14 1.35 -2.34
C SER B 59 -37.14 1.26 -3.48
N ASP B 60 -36.76 0.57 -4.54
CA ASP B 60 -37.64 0.41 -5.68
C ASP B 60 -38.42 -0.92 -5.64
N ARG B 61 -39.52 -0.92 -4.89
CA ARG B 61 -40.38 -2.11 -4.76
C ARG B 61 -41.50 -1.80 -3.77
N VAL B 62 -41.16 -1.89 -2.48
CA VAL B 62 -42.07 -1.65 -1.37
C VAL B 62 -41.34 -2.17 -0.13
N GLY B 63 -41.78 -1.75 1.06
CA GLY B 63 -41.13 -2.23 2.26
C GLY B 63 -40.81 -1.18 3.30
N ARG B 64 -41.11 0.08 3.00
CA ARG B 64 -40.84 1.18 3.92
C ARG B 64 -41.48 0.92 5.29
N ARG B 65 -42.80 1.07 5.38
CA ARG B 65 -43.44 0.84 6.67
C ARG B 65 -43.19 -0.55 7.25
N PRO B 66 -43.45 -1.62 6.48
CA PRO B 66 -43.23 -2.97 7.01
C PRO B 66 -41.81 -3.25 7.48
N VAL B 67 -40.95 -3.67 6.55
CA VAL B 67 -39.57 -4.00 6.87
C VAL B 67 -38.78 -2.88 7.53
N ILE B 68 -38.71 -1.72 6.87
CA ILE B 68 -37.96 -0.60 7.40
C ILE B 68 -38.32 -0.20 8.83
N LEU B 69 -39.43 0.51 9.02
CA LEU B 69 -39.75 0.92 10.38
C LEU B 69 -40.31 -0.14 11.33
N VAL B 70 -41.32 -0.88 10.90
CA VAL B 70 -41.89 -1.92 11.77
C VAL B 70 -40.84 -2.97 12.12
N GLY B 71 -40.12 -3.43 11.10
CA GLY B 71 -39.09 -4.43 11.31
C GLY B 71 -37.98 -4.02 12.26
N MET B 72 -37.18 -3.04 11.86
CA MET B 72 -36.08 -2.59 12.69
C MET B 72 -36.48 -2.19 14.12
N SER B 73 -37.69 -1.66 14.27
CA SER B 73 -38.17 -1.26 15.58
C SER B 73 -38.42 -2.45 16.51
N ILE B 74 -39.17 -3.44 16.04
CA ILE B 74 -39.45 -4.61 16.87
C ILE B 74 -38.14 -5.28 17.29
N PHE B 75 -37.15 -5.25 16.40
CA PHE B 75 -35.84 -5.81 16.70
C PHE B 75 -35.28 -5.01 17.90
N MET B 76 -35.57 -3.72 17.95
CA MET B 76 -35.11 -2.88 19.04
C MET B 76 -35.72 -3.29 20.39
N LEU B 77 -36.81 -4.03 20.37
CA LEU B 77 -37.39 -4.49 21.64
C LEU B 77 -36.38 -5.50 22.20
N ALA B 78 -35.90 -6.38 21.31
CA ALA B 78 -34.90 -7.35 21.70
C ALA B 78 -33.72 -6.57 22.25
N THR B 79 -33.59 -5.32 21.79
CA THR B 79 -32.51 -4.42 22.19
C THR B 79 -32.05 -4.41 23.65
N LEU B 80 -32.57 -3.58 24.57
CA LEU B 80 -31.95 -3.63 25.90
C LEU B 80 -31.83 -4.97 26.60
N VAL B 81 -32.82 -5.85 26.51
CA VAL B 81 -32.67 -7.13 27.21
C VAL B 81 -31.43 -7.92 26.76
N ALA B 82 -31.48 -8.38 25.52
CA ALA B 82 -30.39 -9.14 24.95
C ALA B 82 -29.12 -8.30 24.91
N VAL B 83 -29.25 -7.01 24.61
CA VAL B 83 -28.07 -6.16 24.55
C VAL B 83 -27.41 -5.80 25.87
N THR B 84 -27.77 -6.47 26.95
CA THR B 84 -27.08 -6.22 28.22
C THR B 84 -26.10 -7.38 28.35
N THR B 85 -26.63 -8.58 28.58
CA THR B 85 -25.77 -9.74 28.72
C THR B 85 -25.00 -9.90 27.40
N SER B 86 -25.77 -9.89 26.32
CA SER B 86 -25.16 -10.01 25.03
C SER B 86 -24.59 -8.66 24.58
N SER B 87 -24.78 -7.61 25.40
CA SER B 87 -24.24 -6.27 25.11
C SER B 87 -22.88 -6.61 24.63
N LEU B 88 -22.11 -7.22 25.52
CA LEU B 88 -20.78 -7.64 25.15
C LEU B 88 -21.00 -8.52 23.92
N THR B 89 -21.59 -9.69 24.11
CA THR B 89 -21.83 -10.61 23.00
C THR B 89 -22.44 -10.01 21.72
N VAL B 90 -21.59 -9.51 20.83
CA VAL B 90 -22.04 -8.95 19.56
C VAL B 90 -23.43 -8.29 19.53
N LEU B 91 -23.97 -7.92 20.69
CA LEU B 91 -25.27 -7.30 20.76
C LEU B 91 -24.93 -5.86 20.84
N ILE B 92 -23.71 -5.54 21.28
CA ILE B 92 -23.33 -4.15 21.20
C ILE B 92 -23.31 -4.05 19.68
N ALA B 93 -23.09 -5.16 18.98
CA ALA B 93 -23.06 -5.10 17.54
C ALA B 93 -24.41 -4.79 16.92
N ALA B 94 -25.41 -5.64 17.20
CA ALA B 94 -26.75 -5.47 16.66
C ALA B 94 -27.33 -4.08 16.94
N SER B 95 -27.20 -3.63 18.19
CA SER B 95 -27.71 -2.33 18.60
C SER B 95 -27.19 -1.18 17.73
N ALA B 96 -25.87 -1.03 17.70
CA ALA B 96 -25.24 0.03 16.92
C ALA B 96 -25.77 0.05 15.48
N MET B 97 -25.72 -1.11 14.83
CA MET B 97 -26.17 -1.22 13.46
C MET B 97 -27.60 -0.73 13.25
N GLN B 98 -28.56 -1.24 14.02
CA GLN B 98 -29.94 -0.84 13.89
C GLN B 98 -30.17 0.67 13.99
N GLY B 99 -29.37 1.34 14.82
CA GLY B 99 -29.49 2.78 14.96
C GLY B 99 -29.29 3.40 13.59
N MET B 100 -28.17 3.09 12.95
CA MET B 100 -27.89 3.63 11.63
C MET B 100 -28.90 3.09 10.61
N GLY B 101 -29.64 2.04 11.00
CA GLY B 101 -30.63 1.47 10.11
C GLY B 101 -31.73 2.50 9.87
N THR B 102 -32.19 3.12 10.95
CA THR B 102 -33.21 4.15 10.81
C THR B 102 -32.56 5.25 9.96
N GLY B 103 -31.24 5.36 10.07
CA GLY B 103 -30.51 6.33 9.27
C GLY B 103 -30.69 6.06 7.79
N VAL B 104 -30.86 4.78 7.44
CA VAL B 104 -31.08 4.36 6.06
C VAL B 104 -32.36 5.06 5.60
N GLY B 105 -33.33 5.13 6.49
CA GLY B 105 -34.58 5.80 6.19
C GLY B 105 -34.23 7.22 5.77
N GLY B 106 -33.24 7.79 6.44
CA GLY B 106 -32.77 9.14 6.14
C GLY B 106 -32.28 9.25 4.70
N VAL B 107 -31.69 8.18 4.19
CA VAL B 107 -31.19 8.16 2.82
C VAL B 107 -32.34 8.49 1.86
N MET B 108 -33.41 7.72 1.97
CA MET B 108 -34.58 7.95 1.11
C MET B 108 -35.09 9.38 1.30
N ALA B 109 -34.90 9.90 2.50
CA ALA B 109 -35.31 11.25 2.83
C ALA B 109 -34.65 12.28 1.92
N ARG B 110 -33.34 12.20 1.72
CA ARG B 110 -32.70 13.17 0.84
C ARG B 110 -33.27 13.08 -0.58
N THR B 111 -33.66 11.88 -0.99
CA THR B 111 -34.21 11.65 -2.32
C THR B 111 -35.48 12.47 -2.66
N LEU B 112 -36.61 12.16 -2.02
CA LEU B 112 -37.83 12.89 -2.32
C LEU B 112 -37.68 14.42 -2.19
N PRO B 113 -37.15 14.91 -1.05
CA PRO B 113 -37.00 16.36 -0.96
C PRO B 113 -36.21 16.93 -2.15
N ARG B 114 -35.42 16.10 -2.84
CA ARG B 114 -34.71 16.56 -4.02
C ARG B 114 -35.74 16.90 -5.09
N ASP B 115 -36.87 16.18 -5.10
CA ASP B 115 -37.94 16.48 -6.04
C ASP B 115 -38.37 17.92 -5.72
N LEU B 116 -38.50 18.21 -4.42
CA LEU B 116 -38.88 19.53 -3.97
C LEU B 116 -37.86 20.55 -4.51
N TYR B 117 -36.63 20.10 -4.73
CA TYR B 117 -35.59 20.97 -5.27
C TYR B 117 -36.00 21.40 -6.67
N GLU B 118 -36.49 20.44 -7.47
CA GLU B 118 -36.94 20.74 -8.83
C GLU B 118 -37.96 21.87 -8.81
N ARG B 119 -38.60 22.10 -7.66
CA ARG B 119 -39.58 23.16 -7.55
C ARG B 119 -39.00 24.58 -7.61
N THR B 120 -37.77 24.77 -7.14
CA THR B 120 -37.16 26.11 -7.18
C THR B 120 -35.62 26.13 -7.32
N GLN B 121 -34.93 26.66 -6.31
CA GLN B 121 -33.47 26.78 -6.33
C GLN B 121 -32.81 25.98 -5.19
N LEU B 122 -33.58 25.11 -4.55
CA LEU B 122 -33.08 24.29 -3.45
C LEU B 122 -31.99 23.34 -3.97
N ARG B 123 -31.06 22.93 -3.10
CA ARG B 123 -30.00 22.03 -3.53
C ARG B 123 -29.86 20.77 -2.66
N HIS B 124 -29.82 20.93 -1.34
CA HIS B 124 -29.67 19.77 -0.45
C HIS B 124 -29.83 20.07 1.04
N ALA B 125 -29.31 21.23 1.45
CA ALA B 125 -29.36 21.66 2.84
C ALA B 125 -30.70 21.40 3.52
N ASN B 126 -31.79 21.69 2.81
CA ASN B 126 -33.15 21.50 3.31
C ASN B 126 -33.37 20.20 4.11
N SER B 127 -33.36 19.06 3.41
CA SER B 127 -33.56 17.78 4.07
C SER B 127 -32.48 17.49 5.12
N LEU B 128 -31.24 17.80 4.77
CA LEU B 128 -30.15 17.55 5.71
C LEU B 128 -30.23 18.39 6.98
N LEU B 129 -30.82 19.60 6.86
CA LEU B 129 -30.99 20.47 8.02
C LEU B 129 -32.02 19.82 8.92
N ASN B 130 -33.07 19.29 8.32
CA ASN B 130 -34.13 18.59 9.03
C ASN B 130 -33.50 17.58 10.00
N MET B 131 -32.78 16.63 9.42
CA MET B 131 -32.11 15.61 10.21
C MET B 131 -31.12 16.24 11.19
N GLY B 132 -30.06 16.83 10.65
CA GLY B 132 -29.02 17.47 11.45
C GLY B 132 -29.45 18.16 12.73
N ILE B 133 -30.42 19.08 12.60
CA ILE B 133 -30.92 19.82 13.76
C ILE B 133 -31.50 18.88 14.81
N LEU B 134 -32.47 18.06 14.43
CA LEU B 134 -33.08 17.14 15.38
C LEU B 134 -32.01 16.36 16.13
N VAL B 135 -30.96 15.97 15.41
CA VAL B 135 -29.85 15.22 16.01
C VAL B 135 -29.22 16.00 17.15
N SER B 136 -28.46 17.04 16.82
CA SER B 136 -27.76 17.86 17.81
C SER B 136 -28.46 18.07 19.16
N PRO B 137 -29.58 18.81 19.22
CA PRO B 137 -30.16 18.94 20.56
C PRO B 137 -30.74 17.68 21.19
N LEU B 138 -31.74 17.06 20.56
CA LEU B 138 -32.37 15.87 21.13
C LEU B 138 -31.37 14.89 21.74
N LEU B 139 -30.26 14.67 21.04
CA LEU B 139 -29.22 13.76 21.49
C LEU B 139 -28.49 14.25 22.75
N ALA B 140 -28.07 15.52 22.73
CA ALA B 140 -27.37 16.10 23.87
C ALA B 140 -28.20 15.91 25.15
N PRO B 141 -29.33 16.62 25.31
CA PRO B 141 -30.06 16.36 26.56
C PRO B 141 -30.66 14.96 26.67
N LEU B 142 -30.35 14.07 25.75
CA LEU B 142 -30.85 12.70 25.82
C LEU B 142 -29.97 12.03 26.88
N ILE B 143 -28.81 11.51 26.49
CA ILE B 143 -27.92 10.87 27.45
C ILE B 143 -27.42 11.91 28.46
N GLY B 144 -27.04 13.07 27.96
CA GLY B 144 -26.56 14.14 28.82
C GLY B 144 -27.67 14.60 29.74
N GLY B 145 -28.91 14.35 29.32
CA GLY B 145 -30.06 14.74 30.12
C GLY B 145 -30.14 13.99 31.43
N LEU B 146 -30.30 12.67 31.37
CA LEU B 146 -30.39 11.88 32.60
C LEU B 146 -29.59 10.56 32.58
N LEU B 147 -28.29 10.67 32.33
CA LEU B 147 -27.40 9.51 32.30
C LEU B 147 -27.84 8.40 31.34
N ASP B 148 -27.54 7.15 31.70
CA ASP B 148 -27.89 5.98 30.90
C ASP B 148 -29.34 6.00 30.43
N THR B 149 -29.54 6.49 29.22
CA THR B 149 -30.87 6.58 28.64
C THR B 149 -31.37 5.25 28.10
N MET B 150 -31.62 4.31 29.01
CA MET B 150 -32.11 2.98 28.66
C MET B 150 -33.48 3.08 27.99
N TRP B 151 -34.53 3.19 28.81
CA TRP B 151 -35.88 3.29 28.27
C TRP B 151 -36.11 4.57 27.49
N ASN B 152 -35.16 5.49 27.59
CA ASN B 152 -35.24 6.77 26.90
C ASN B 152 -34.96 6.51 25.43
N TRP B 153 -33.93 5.72 25.15
CA TRP B 153 -33.60 5.40 23.76
C TRP B 153 -34.75 4.55 23.24
N ARG B 154 -35.31 3.72 24.13
CA ARG B 154 -36.43 2.86 23.78
C ARG B 154 -37.53 3.78 23.27
N ALA B 155 -37.81 4.82 24.03
CA ALA B 155 -38.83 5.81 23.70
C ALA B 155 -38.48 6.53 22.39
N CYS B 156 -37.40 7.30 22.39
CA CYS B 156 -36.97 8.05 21.22
C CYS B 156 -37.10 7.28 19.90
N TYR B 157 -36.44 6.13 19.81
CA TYR B 157 -36.50 5.32 18.60
C TYR B 157 -37.91 4.84 18.33
N LEU B 158 -38.43 3.97 19.19
CA LEU B 158 -39.76 3.42 19.03
C LEU B 158 -40.82 4.50 18.82
N PHE B 159 -41.00 5.35 19.81
CA PHE B 159 -41.98 6.44 19.77
C PHE B 159 -41.92 7.34 18.53
N LEU B 160 -40.75 7.86 18.19
CA LEU B 160 -40.62 8.74 17.04
C LEU B 160 -40.84 8.00 15.72
N LEU B 161 -40.34 6.77 15.64
CA LEU B 161 -40.49 5.94 14.44
C LEU B 161 -41.94 5.52 14.24
N VAL B 162 -42.58 5.04 15.30
CA VAL B 162 -43.97 4.62 15.21
C VAL B 162 -44.86 5.84 15.04
N LEU B 163 -44.35 7.01 15.44
CA LEU B 163 -45.09 8.25 15.28
C LEU B 163 -45.14 8.44 13.78
N CYS B 164 -43.98 8.29 13.15
CA CYS B 164 -43.84 8.40 11.71
C CYS B 164 -44.84 7.44 11.07
N ALA B 165 -44.72 6.17 11.42
CA ALA B 165 -45.60 5.12 10.91
C ALA B 165 -47.07 5.53 11.00
N GLY B 166 -47.49 5.87 12.21
CA GLY B 166 -48.86 6.28 12.46
C GLY B 166 -49.34 7.41 11.57
N VAL B 167 -48.42 8.26 11.13
CA VAL B 167 -48.80 9.37 10.26
C VAL B 167 -48.24 9.23 8.85
N THR B 168 -47.52 8.14 8.58
CA THR B 168 -46.97 7.91 7.25
C THR B 168 -48.02 7.24 6.37
N PHE B 169 -48.64 6.20 6.91
CA PHE B 169 -49.67 5.43 6.22
C PHE B 169 -49.43 5.26 4.72
N SER B 170 -48.16 5.01 4.36
CA SER B 170 -47.78 4.82 2.96
C SER B 170 -46.73 3.73 2.86
N MET B 171 -46.79 2.94 1.80
CA MET B 171 -45.83 1.86 1.60
C MET B 171 -44.55 2.34 0.94
N ALA B 172 -44.70 3.04 -0.19
CA ALA B 172 -43.60 3.61 -1.00
C ALA B 172 -44.08 3.68 -2.45
N ARG B 173 -44.73 4.78 -2.82
CA ARG B 173 -45.20 4.94 -4.18
C ARG B 173 -44.48 6.09 -4.89
N TRP B 174 -44.74 6.22 -6.20
CA TRP B 174 -44.13 7.24 -7.06
C TRP B 174 -42.74 6.83 -7.55
N MET B 175 -42.41 5.54 -7.40
CA MET B 175 -41.12 5.01 -7.83
C MET B 175 -41.23 3.57 -8.38
N PRO B 176 -40.22 3.13 -9.14
CA PRO B 176 -40.11 1.79 -9.76
C PRO B 176 -40.25 0.58 -8.85
N GLU B 177 -39.89 -0.60 -9.36
CA GLU B 177 -40.03 -1.84 -8.60
C GLU B 177 -39.00 -2.95 -8.92
N THR B 178 -38.84 -3.86 -7.95
CA THR B 178 -37.98 -5.06 -7.99
C THR B 178 -36.46 -5.06 -7.72
N ARG B 179 -36.11 -5.39 -6.48
CA ARG B 179 -34.73 -5.48 -6.03
C ARG B 179 -34.05 -6.73 -6.62
N PRO B 180 -34.72 -7.90 -6.57
CA PRO B 180 -34.18 -9.16 -7.10
C PRO B 180 -33.69 -9.04 -8.54
N VAL B 181 -34.30 -8.11 -9.28
CA VAL B 181 -33.92 -7.90 -10.67
C VAL B 181 -33.36 -6.49 -10.82
N ASP B 182 -32.72 -5.99 -9.76
CA ASP B 182 -32.15 -4.64 -9.79
C ASP B 182 -30.64 -4.58 -9.47
N ALA B 183 -30.18 -5.38 -8.51
CA ALA B 183 -28.77 -5.38 -8.11
C ALA B 183 -27.75 -5.32 -9.28
N PRO B 184 -26.95 -4.23 -9.35
CA PRO B 184 -25.94 -3.98 -10.37
C PRO B 184 -24.51 -4.48 -10.06
N ARG B 185 -23.71 -4.66 -11.12
CA ARG B 185 -22.32 -5.12 -11.05
C ARG B 185 -21.67 -5.06 -12.45
N THR B 186 -20.61 -4.25 -12.61
CA THR B 186 -19.92 -4.10 -13.91
C THR B 186 -18.46 -3.62 -13.73
N ARG B 187 -17.82 -3.08 -14.78
CA ARG B 187 -16.44 -2.62 -14.67
C ARG B 187 -15.84 -1.56 -15.63
N LEU B 188 -14.57 -1.24 -15.38
CA LEU B 188 -13.85 -0.26 -16.17
C LEU B 188 -13.59 -0.72 -17.62
N LEU B 189 -14.21 -1.83 -18.01
CA LEU B 189 -14.07 -2.35 -19.36
C LEU B 189 -14.49 -1.24 -20.32
N THR B 190 -15.58 -0.57 -19.96
CA THR B 190 -16.08 0.55 -20.72
C THR B 190 -15.29 1.75 -20.21
N SER B 191 -14.95 1.75 -18.93
CA SER B 191 -14.18 2.86 -18.37
C SER B 191 -12.66 2.79 -18.62
N TYR B 192 -12.28 2.71 -19.90
CA TYR B 192 -10.87 2.63 -20.29
C TYR B 192 -10.07 3.91 -20.01
N LYS B 193 -9.94 4.81 -21.00
CA LYS B 193 -9.20 6.07 -20.82
C LYS B 193 -9.90 6.95 -19.80
N THR B 194 -11.11 6.53 -19.44
CA THR B 194 -11.89 7.21 -18.44
C THR B 194 -11.04 7.17 -17.18
N LEU B 195 -10.02 6.32 -17.18
CA LEU B 195 -9.07 6.19 -16.07
C LEU B 195 -8.50 7.57 -15.79
N PHE B 196 -8.10 8.28 -16.85
CA PHE B 196 -7.55 9.62 -16.68
C PHE B 196 -8.63 10.43 -15.94
N GLY B 197 -9.81 10.50 -16.55
CA GLY B 197 -10.89 11.25 -15.94
C GLY B 197 -11.50 10.65 -14.68
N ASN B 198 -12.35 9.65 -14.89
CA ASN B 198 -13.04 8.94 -13.81
C ASN B 198 -12.13 8.53 -12.66
N SER B 199 -10.95 7.96 -12.97
CA SER B 199 -10.05 7.55 -11.90
C SER B 199 -9.48 8.76 -11.16
N GLY B 200 -9.50 9.91 -11.79
CA GLY B 200 -9.03 11.11 -11.11
C GLY B 200 -9.98 11.29 -9.94
N PHE B 201 -11.27 11.40 -10.24
CA PHE B 201 -12.30 11.55 -9.22
C PHE B 201 -12.46 10.28 -8.37
N ASN B 202 -12.12 9.14 -8.98
CA ASN B 202 -12.19 7.85 -8.30
C ASN B 202 -11.27 7.96 -7.10
N CYS B 203 -10.00 8.20 -7.35
CA CYS B 203 -8.99 8.33 -6.30
C CYS B 203 -9.47 9.34 -5.26
N TYR B 204 -10.14 10.39 -5.73
CA TYR B 204 -10.68 11.43 -4.86
C TYR B 204 -11.45 10.86 -3.68
N LEU B 205 -12.74 10.56 -3.88
CA LEU B 205 -13.56 10.04 -2.80
C LEU B 205 -13.17 8.65 -2.30
N LEU B 206 -12.60 7.84 -3.18
CA LEU B 206 -12.16 6.48 -2.86
C LEU B 206 -11.24 6.60 -1.64
N MET B 207 -10.06 7.17 -1.86
CA MET B 207 -9.08 7.35 -0.81
C MET B 207 -9.65 8.21 0.32
N LEU B 208 -10.35 9.28 -0.05
CA LEU B 208 -10.94 10.21 0.90
C LEU B 208 -11.61 9.53 2.09
N ILE B 209 -12.74 8.86 1.84
CA ILE B 209 -13.45 8.21 2.92
C ILE B 209 -12.75 6.95 3.46
N GLY B 210 -11.87 6.36 2.66
CA GLY B 210 -11.15 5.18 3.10
C GLY B 210 -10.27 5.53 4.28
N GLY B 211 -9.30 6.41 4.04
CA GLY B 211 -8.42 6.83 5.11
C GLY B 211 -9.27 7.50 6.17
N LEU B 212 -10.37 8.13 5.74
CA LEU B 212 -11.28 8.80 6.64
C LEU B 212 -11.95 7.80 7.57
N ALA B 213 -11.98 6.53 7.15
CA ALA B 213 -12.55 5.47 7.98
C ALA B 213 -11.58 5.31 9.13
N GLY B 214 -10.29 5.32 8.81
CA GLY B 214 -9.27 5.21 9.84
C GLY B 214 -9.30 6.44 10.73
N ILE B 215 -9.43 7.60 10.10
CA ILE B 215 -9.49 8.87 10.82
C ILE B 215 -10.74 8.90 11.69
N ALA B 216 -11.83 8.33 11.17
CA ALA B 216 -13.09 8.26 11.91
C ALA B 216 -12.80 7.54 13.21
N ALA B 217 -12.03 6.46 13.10
CA ALA B 217 -11.65 5.66 14.24
C ALA B 217 -11.02 6.56 15.31
N PHE B 218 -10.06 7.38 14.90
CA PHE B 218 -9.37 8.30 15.79
C PHE B 218 -10.30 9.30 16.48
N GLU B 219 -10.80 10.24 15.68
CA GLU B 219 -11.70 11.30 16.14
C GLU B 219 -12.81 10.86 17.08
N ALA B 220 -13.58 9.86 16.67
CA ALA B 220 -14.68 9.36 17.49
C ALA B 220 -14.19 8.52 18.66
N CYS B 221 -12.92 8.13 18.63
CA CYS B 221 -12.33 7.32 19.70
C CYS B 221 -12.12 8.09 21.00
N SER B 222 -11.49 9.25 20.92
CA SER B 222 -11.22 10.04 22.12
C SER B 222 -12.44 10.37 22.99
N GLY B 223 -12.29 10.12 24.29
CA GLY B 223 -13.35 10.38 25.25
C GLY B 223 -13.21 9.53 26.51
N VAL B 224 -14.21 9.55 27.37
CA VAL B 224 -14.25 8.76 28.62
C VAL B 224 -15.59 8.12 28.35
N LEU B 225 -15.50 7.11 27.51
CA LEU B 225 -16.67 6.53 26.95
C LEU B 225 -18.15 6.67 27.46
N MET B 226 -18.50 6.59 28.76
CA MET B 226 -19.90 6.94 29.10
C MET B 226 -19.85 8.48 29.10
N GLY B 227 -19.79 9.10 30.28
CA GLY B 227 -19.68 10.55 30.40
C GLY B 227 -20.51 11.53 29.57
N ALA B 228 -20.62 12.75 30.08
CA ALA B 228 -21.37 13.79 29.40
C ALA B 228 -20.72 14.09 28.06
N VAL B 229 -19.40 14.02 28.00
CA VAL B 229 -18.65 14.29 26.78
C VAL B 229 -19.03 13.36 25.63
N LEU B 230 -19.18 12.06 25.93
CA LEU B 230 -19.56 11.11 24.88
C LEU B 230 -21.01 11.27 24.46
N GLY B 231 -21.89 11.51 25.43
CA GLY B 231 -23.28 11.71 25.11
C GLY B 231 -23.27 12.95 24.22
N LEU B 232 -22.40 13.88 24.60
CA LEU B 232 -22.22 15.11 23.86
C LEU B 232 -21.28 14.92 22.67
N SER B 233 -20.79 13.70 22.48
CA SER B 233 -19.94 13.41 21.32
C SER B 233 -20.99 13.35 20.24
N SER B 234 -22.13 12.73 20.60
CA SER B 234 -23.27 12.61 19.72
C SER B 234 -23.69 14.05 19.40
N MET B 235 -23.78 14.86 20.45
CA MET B 235 -24.16 16.25 20.33
C MET B 235 -23.19 17.05 19.44
N THR B 236 -21.93 17.14 19.87
CA THR B 236 -20.90 17.88 19.15
C THR B 236 -20.82 17.51 17.68
N VAL B 237 -20.72 16.21 17.42
CA VAL B 237 -20.64 15.72 16.05
C VAL B 237 -21.80 16.28 15.23
N SER B 238 -23.00 16.24 15.80
CA SER B 238 -24.19 16.72 15.11
C SER B 238 -24.23 18.25 14.98
N ILE B 239 -23.74 18.96 16.00
CA ILE B 239 -23.71 20.43 15.96
C ILE B 239 -22.94 20.83 14.71
N LEU B 240 -21.80 20.17 14.51
CA LEU B 240 -20.99 20.45 13.35
C LEU B 240 -21.58 19.88 12.08
N PHE B 241 -22.49 18.92 12.20
CA PHE B 241 -23.13 18.39 10.99
C PHE B 241 -23.91 19.57 10.42
N ILE B 242 -24.57 20.30 11.31
CA ILE B 242 -25.37 21.45 10.92
C ILE B 242 -24.59 22.59 10.25
N LEU B 243 -23.52 23.08 10.87
CA LEU B 243 -22.77 24.17 10.24
C LEU B 243 -22.29 23.80 8.83
N PRO B 244 -21.42 22.78 8.71
CA PRO B 244 -21.00 22.43 7.36
C PRO B 244 -22.08 22.17 6.32
N ILE B 245 -23.31 21.82 6.72
CA ILE B 245 -24.33 21.59 5.69
C ILE B 245 -24.73 22.86 4.91
N PRO B 246 -25.10 23.98 5.59
CA PRO B 246 -25.42 25.09 4.68
C PRO B 246 -24.13 25.51 3.98
N ALA B 247 -23.01 25.30 4.65
CA ALA B 247 -21.71 25.61 4.08
C ALA B 247 -21.52 24.72 2.85
N ALA B 248 -22.15 23.54 2.88
CA ALA B 248 -22.09 22.58 1.80
C ALA B 248 -22.96 23.02 0.63
N PHE B 249 -23.94 23.88 0.91
CA PHE B 249 -24.84 24.41 -0.11
C PHE B 249 -23.88 25.16 -1.04
N PHE B 250 -23.28 26.22 -0.52
CA PHE B 250 -22.31 26.98 -1.29
C PHE B 250 -21.10 26.07 -1.53
N GLY B 251 -20.97 25.06 -0.70
CA GLY B 251 -19.88 24.11 -0.80
C GLY B 251 -19.99 23.21 -2.01
N ALA B 252 -21.21 23.00 -2.50
CA ALA B 252 -21.42 22.18 -3.69
C ALA B 252 -20.86 23.01 -4.83
N TRP B 253 -21.20 24.30 -4.82
CA TRP B 253 -20.71 25.21 -5.84
C TRP B 253 -19.18 25.27 -5.69
N PHE B 254 -18.71 25.03 -4.46
CA PHE B 254 -17.30 25.02 -4.15
C PHE B 254 -16.68 23.70 -4.63
N ALA B 255 -17.51 22.64 -4.65
CA ALA B 255 -17.11 21.32 -5.12
C ALA B 255 -16.51 21.60 -6.48
N GLY B 256 -17.18 22.51 -7.20
CA GLY B 256 -16.66 22.94 -8.46
C GLY B 256 -15.37 23.56 -7.97
N ARG B 257 -15.48 24.71 -7.29
CA ARG B 257 -14.32 25.43 -6.75
C ARG B 257 -13.12 24.54 -6.42
N PRO B 258 -12.01 24.83 -7.14
CA PRO B 258 -10.72 24.20 -7.11
C PRO B 258 -10.91 22.76 -6.72
N ASN B 259 -12.00 22.21 -7.26
CA ASN B 259 -12.49 20.88 -6.99
C ASN B 259 -12.60 20.95 -5.46
N LYS B 260 -13.80 20.77 -4.91
CA LYS B 260 -14.01 20.80 -3.44
C LYS B 260 -12.84 20.17 -2.69
N ARG B 261 -11.98 19.49 -3.44
CA ARG B 261 -10.79 18.86 -2.95
C ARG B 261 -9.91 19.88 -2.28
N PHE B 262 -9.84 21.10 -2.81
CA PHE B 262 -9.04 22.12 -2.17
C PHE B 262 -9.55 22.14 -0.73
N SER B 263 -10.86 22.02 -0.57
CA SER B 263 -11.44 22.03 0.75
C SER B 263 -10.93 20.86 1.60
N THR B 264 -11.26 19.64 1.17
CA THR B 264 -10.86 18.42 1.86
C THR B 264 -9.35 18.41 2.16
N LEU B 265 -8.57 18.79 1.16
CA LEU B 265 -7.11 18.88 1.21
C LEU B 265 -6.65 19.61 2.48
N MET B 266 -6.83 20.92 2.46
CA MET B 266 -6.43 21.78 3.55
C MET B 266 -7.05 21.36 4.88
N TRP B 267 -8.32 20.96 4.85
CA TRP B 267 -9.00 20.55 6.07
C TRP B 267 -8.39 19.39 6.85
N GLN B 268 -8.30 18.22 6.23
CA GLN B 268 -7.72 17.06 6.91
C GLN B 268 -6.32 17.40 7.40
N SER B 269 -5.57 18.16 6.61
CA SER B 269 -4.23 18.57 7.00
C SER B 269 -4.32 19.39 8.30
N VAL B 270 -5.27 20.32 8.34
CA VAL B 270 -5.48 21.16 9.51
C VAL B 270 -5.94 20.31 10.69
N ILE B 271 -6.68 19.23 10.40
CA ILE B 271 -7.15 18.33 11.45
C ILE B 271 -5.91 17.89 12.23
N CYS B 272 -4.87 17.51 11.49
CA CYS B 272 -3.63 17.07 12.09
C CYS B 272 -2.96 18.20 12.87
N CYS B 273 -3.05 19.43 12.35
CA CYS B 273 -2.47 20.57 13.04
C CYS B 273 -3.09 20.69 14.42
N LEU B 274 -4.42 20.56 14.48
CA LEU B 274 -5.13 20.63 15.75
C LEU B 274 -4.82 19.40 16.60
N LEU B 275 -4.54 18.28 15.93
CA LEU B 275 -4.18 17.02 16.61
C LEU B 275 -3.03 17.31 17.57
N ALA B 276 -2.17 18.24 17.18
CA ALA B 276 -1.04 18.63 18.00
C ALA B 276 -1.08 20.16 18.18
N GLY B 277 -2.30 20.68 18.37
CA GLY B 277 -2.48 22.11 18.52
C GLY B 277 -2.63 22.66 19.92
N LEU B 278 -3.85 22.71 20.43
CA LEU B 278 -4.12 23.24 21.77
C LEU B 278 -4.61 22.24 22.82
N LEU B 279 -5.27 22.77 23.85
CA LEU B 279 -5.78 21.96 24.95
C LEU B 279 -7.01 21.12 24.59
N MET B 280 -6.87 19.81 24.76
CA MET B 280 -7.88 18.78 24.47
C MET B 280 -9.01 19.02 23.47
N TRP B 281 -10.05 19.74 23.85
CA TRP B 281 -11.21 20.00 22.99
C TRP B 281 -11.04 20.05 21.46
N ILE B 282 -10.68 21.23 20.96
CA ILE B 282 -10.50 21.45 19.53
C ILE B 282 -9.90 20.34 18.65
N PRO B 283 -8.77 19.73 19.05
CA PRO B 283 -8.13 18.66 18.26
C PRO B 283 -9.02 17.66 17.52
N ASP B 284 -9.19 16.45 18.07
CA ASP B 284 -9.99 15.43 17.43
C ASP B 284 -11.49 15.71 17.36
N TRP B 285 -12.00 16.56 18.23
CA TRP B 285 -13.43 16.87 18.23
C TRP B 285 -13.72 17.57 16.89
N PHE B 286 -12.78 18.44 16.51
CA PHE B 286 -12.86 19.15 15.24
C PHE B 286 -12.67 18.11 14.14
N GLY B 287 -11.89 17.07 14.45
CA GLY B 287 -11.65 16.00 13.50
C GLY B 287 -12.94 15.44 12.94
N VAL B 288 -13.86 15.04 13.81
CA VAL B 288 -15.14 14.48 13.37
C VAL B 288 -15.89 15.52 12.55
N MET B 289 -15.92 16.76 13.05
CA MET B 289 -16.59 17.88 12.38
C MET B 289 -16.27 17.88 10.89
N ASN B 290 -14.98 18.03 10.60
CA ASN B 290 -14.49 18.09 9.23
C ASN B 290 -14.87 16.87 8.41
N VAL B 291 -14.67 15.67 8.96
CA VAL B 291 -15.00 14.45 8.25
C VAL B 291 -16.38 14.50 7.61
N TRP B 292 -17.39 14.78 8.42
CA TRP B 292 -18.75 14.85 7.91
C TRP B 292 -18.88 15.94 6.84
N THR B 293 -18.20 17.06 7.05
CA THR B 293 -18.23 18.16 6.09
C THR B 293 -17.92 17.58 4.71
N LEU B 294 -16.69 17.08 4.57
CA LEU B 294 -16.21 16.49 3.33
C LEU B 294 -17.25 15.55 2.73
N LEU B 295 -17.74 14.62 3.55
CA LEU B 295 -18.74 13.64 3.13
C LEU B 295 -19.93 14.23 2.39
N VAL B 296 -20.56 15.24 2.96
CA VAL B 296 -21.74 15.85 2.35
C VAL B 296 -21.53 16.53 0.99
N PRO B 297 -20.78 17.64 0.91
CA PRO B 297 -20.64 18.21 -0.43
C PRO B 297 -20.10 17.22 -1.48
N ALA B 298 -19.28 16.26 -1.02
CA ALA B 298 -18.71 15.26 -1.90
C ALA B 298 -19.86 14.45 -2.50
N ALA B 299 -20.69 13.90 -1.63
CA ALA B 299 -21.84 13.11 -2.05
C ALA B 299 -22.87 13.96 -2.80
N LEU B 300 -22.70 15.28 -2.76
CA LEU B 300 -23.61 16.19 -3.44
C LEU B 300 -23.34 16.24 -4.93
N PHE B 301 -22.16 16.74 -5.32
CA PHE B 301 -21.82 16.80 -6.74
C PHE B 301 -21.83 15.38 -7.31
N PHE B 302 -21.44 14.43 -6.47
CA PHE B 302 -21.40 13.02 -6.83
C PHE B 302 -22.81 12.51 -7.11
N PHE B 303 -23.74 12.85 -6.22
CA PHE B 303 -25.13 12.42 -6.35
C PHE B 303 -25.71 12.76 -7.72
N GLY B 304 -25.69 14.04 -8.07
CA GLY B 304 -26.22 14.47 -9.35
C GLY B 304 -25.43 13.99 -10.55
N ALA B 305 -24.27 14.60 -10.77
CA ALA B 305 -23.39 14.29 -11.89
C ALA B 305 -22.96 12.84 -11.97
N GLY B 306 -23.22 12.08 -10.92
CA GLY B 306 -22.86 10.67 -10.91
C GLY B 306 -24.02 9.77 -11.25
N MET B 307 -25.04 9.78 -10.40
CA MET B 307 -26.21 8.92 -10.58
C MET B 307 -27.12 9.12 -11.79
N LEU B 308 -27.06 10.25 -12.47
CA LEU B 308 -27.96 10.46 -13.61
C LEU B 308 -27.50 10.01 -15.00
N PHE B 309 -26.21 9.73 -15.17
CA PHE B 309 -25.68 9.27 -16.46
C PHE B 309 -25.79 7.74 -16.54
N PRO B 310 -25.31 7.12 -17.64
CA PRO B 310 -25.37 5.65 -17.75
C PRO B 310 -24.55 5.13 -16.55
N LEU B 311 -23.79 6.06 -16.00
CA LEU B 311 -23.01 5.83 -14.81
C LEU B 311 -24.03 5.94 -13.67
N ALA B 312 -25.16 5.25 -13.84
CA ALA B 312 -26.21 5.19 -12.84
C ALA B 312 -25.92 3.84 -12.22
N THR B 313 -25.74 2.86 -13.10
CA THR B 313 -25.39 1.51 -12.70
C THR B 313 -23.91 1.68 -12.36
N SER B 314 -23.18 2.35 -13.24
CA SER B 314 -21.76 2.58 -13.04
C SER B 314 -21.57 3.62 -11.93
N GLY B 315 -22.59 4.45 -11.72
CA GLY B 315 -22.54 5.47 -10.70
C GLY B 315 -22.74 4.87 -9.33
N ALA B 316 -23.75 4.01 -9.21
CA ALA B 316 -24.02 3.33 -7.97
C ALA B 316 -22.66 2.75 -7.59
N MET B 317 -22.04 2.11 -8.58
CA MET B 317 -20.73 1.49 -8.43
C MET B 317 -19.66 2.45 -7.89
N GLU B 318 -19.48 3.61 -8.54
CA GLU B 318 -18.46 4.55 -8.07
C GLU B 318 -18.63 5.08 -6.64
N PRO B 319 -19.52 6.07 -6.38
CA PRO B 319 -19.57 6.47 -4.98
C PRO B 319 -19.88 5.39 -3.96
N PHE B 320 -20.90 4.58 -4.20
CA PHE B 320 -21.26 3.54 -3.23
C PHE B 320 -20.23 2.40 -3.07
N PRO B 321 -20.19 1.41 -4.00
CA PRO B 321 -19.19 0.35 -3.80
C PRO B 321 -17.74 0.81 -3.67
N PHE B 322 -17.30 1.71 -4.54
CA PHE B 322 -15.91 2.17 -4.47
C PHE B 322 -15.57 2.84 -3.15
N LEU B 323 -16.27 3.92 -2.82
CA LEU B 323 -16.00 4.63 -1.57
C LEU B 323 -16.18 3.69 -0.38
N ALA B 324 -17.40 3.24 -0.14
CA ALA B 324 -17.71 2.33 0.96
C ALA B 324 -16.70 1.18 1.03
N GLY B 325 -16.28 0.71 -0.14
CA GLY B 325 -15.32 -0.38 -0.22
C GLY B 325 -14.00 0.02 0.41
N THR B 326 -13.52 1.21 0.09
CA THR B 326 -12.26 1.72 0.64
C THR B 326 -12.37 1.75 2.16
N ALA B 327 -13.52 2.18 2.64
CA ALA B 327 -13.77 2.25 4.08
C ALA B 327 -13.57 0.87 4.68
N GLY B 328 -14.18 -0.13 4.06
CA GLY B 328 -14.06 -1.49 4.55
C GLY B 328 -12.61 -1.92 4.64
N ALA B 329 -11.82 -1.55 3.64
CA ALA B 329 -10.40 -1.88 3.60
C ALA B 329 -9.69 -1.38 4.86
N LEU B 330 -9.81 -0.08 5.11
CA LEU B 330 -9.17 0.53 6.28
C LEU B 330 -9.66 -0.11 7.59
N VAL B 331 -10.97 -0.39 7.66
CA VAL B 331 -11.55 -1.01 8.84
C VAL B 331 -10.88 -2.34 9.17
N GLY B 332 -10.66 -3.16 8.14
CA GLY B 332 -10.00 -4.44 8.34
C GLY B 332 -8.61 -4.20 8.90
N GLY B 333 -7.92 -3.23 8.31
CA GLY B 333 -6.59 -2.86 8.77
C GLY B 333 -6.66 -2.58 10.26
N LEU B 334 -7.73 -1.92 10.69
CA LEU B 334 -7.95 -1.59 12.09
C LEU B 334 -8.00 -2.84 12.98
N GLN B 335 -8.74 -3.85 12.53
CA GLN B 335 -8.86 -5.12 13.26
C GLN B 335 -7.45 -5.54 13.69
N ASN B 336 -6.59 -5.75 12.72
CA ASN B 336 -5.23 -6.16 13.03
C ASN B 336 -4.33 -5.00 13.46
N ILE B 337 -4.79 -3.76 13.25
CA ILE B 337 -3.99 -2.61 13.64
C ILE B 337 -3.86 -2.63 15.15
N GLY B 338 -4.96 -2.87 15.85
CA GLY B 338 -4.92 -2.92 17.30
C GLY B 338 -4.11 -4.12 17.74
N SER B 339 -4.52 -5.28 17.26
CA SER B 339 -3.85 -6.53 17.59
C SER B 339 -2.34 -6.45 17.33
N GLY B 340 -1.95 -5.53 16.46
CA GLY B 340 -0.55 -5.33 16.14
C GLY B 340 -0.03 -3.98 16.58
N VAL B 341 -0.90 -3.14 17.12
CA VAL B 341 -0.53 -1.81 17.59
C VAL B 341 0.12 -1.91 18.97
N LEU B 342 0.39 -3.15 19.38
CA LEU B 342 1.04 -3.45 20.65
C LEU B 342 2.31 -2.61 20.95
N ALA B 343 2.75 -1.77 20.01
CA ALA B 343 3.93 -0.91 20.17
C ALA B 343 3.77 0.19 21.15
N SER B 344 3.38 -0.18 22.33
CA SER B 344 3.09 0.79 23.34
C SER B 344 3.58 2.21 23.43
N LEU B 345 2.77 2.99 22.72
CA LEU B 345 2.63 4.46 22.74
C LEU B 345 1.66 4.69 21.57
N SER B 346 2.34 4.20 20.51
CA SER B 346 2.26 4.03 19.04
C SER B 346 2.24 5.11 17.96
N ALA B 347 2.86 6.25 18.31
CA ALA B 347 2.96 7.42 17.45
C ALA B 347 2.82 7.39 15.92
N MET B 348 3.94 7.38 15.21
CA MET B 348 3.93 7.42 13.76
C MET B 348 3.10 6.37 13.03
N LEU B 349 2.77 5.28 13.69
CA LEU B 349 1.98 4.23 13.05
C LEU B 349 0.53 4.70 12.81
N PRO B 350 -0.30 4.78 13.88
CA PRO B 350 -1.65 5.25 13.52
C PRO B 350 -1.64 6.66 12.94
N GLN B 351 -0.67 7.46 13.37
CA GLN B 351 -0.55 8.82 12.87
C GLN B 351 -0.24 8.82 11.38
N THR B 352 0.48 7.81 10.92
CA THR B 352 0.80 7.72 9.50
C THR B 352 -0.50 7.53 8.74
N GLY B 353 -1.42 6.74 9.30
CA GLY B 353 -2.70 6.52 8.65
C GLY B 353 -3.46 7.83 8.51
N GLN B 354 -3.72 8.46 9.65
CA GLN B 354 -4.44 9.72 9.73
C GLN B 354 -3.81 10.76 8.79
N GLY B 355 -2.54 11.08 9.06
CA GLY B 355 -1.82 12.04 8.26
C GLY B 355 -1.76 11.67 6.79
N SER B 356 -1.67 10.38 6.50
CA SER B 356 -1.62 9.90 5.12
C SER B 356 -2.83 10.41 4.35
N LEU B 357 -4.02 10.09 4.84
CA LEU B 357 -5.24 10.52 4.17
C LEU B 357 -5.30 12.04 4.01
N GLY B 358 -4.83 12.77 5.01
CA GLY B 358 -4.83 14.21 4.93
C GLY B 358 -4.03 14.70 3.72
N LEU B 359 -2.73 14.40 3.74
CA LEU B 359 -1.84 14.80 2.67
C LEU B 359 -2.16 14.11 1.34
N LEU B 360 -2.79 12.94 1.42
CA LEU B 360 -3.17 12.18 0.23
C LEU B 360 -4.18 13.03 -0.53
N MET B 361 -5.11 13.62 0.20
CA MET B 361 -6.13 14.47 -0.40
C MET B 361 -5.48 15.76 -0.90
N THR B 362 -4.35 16.14 -0.30
CA THR B 362 -3.64 17.34 -0.71
C THR B 362 -3.19 17.19 -2.17
N LEU B 363 -2.35 16.18 -2.40
CA LEU B 363 -1.83 15.89 -3.73
C LEU B 363 -2.96 15.72 -4.74
N MET B 364 -3.94 14.88 -4.40
CA MET B 364 -5.06 14.63 -5.28
C MET B 364 -5.81 15.93 -5.58
N GLY B 365 -5.93 16.77 -4.56
CA GLY B 365 -6.62 18.04 -4.71
C GLY B 365 -6.17 18.87 -5.89
N LEU B 366 -4.97 19.44 -5.79
CA LEU B 366 -4.44 20.27 -6.85
C LEU B 366 -4.31 19.52 -8.19
N LEU B 367 -3.80 18.30 -8.10
CA LEU B 367 -3.59 17.46 -9.28
C LEU B 367 -4.83 17.32 -10.16
N ILE B 368 -5.99 17.23 -9.52
CA ILE B 368 -7.24 17.10 -10.26
C ILE B 368 -7.74 18.47 -10.73
N VAL B 369 -7.45 19.51 -9.95
CA VAL B 369 -7.87 20.87 -10.29
C VAL B 369 -7.43 21.25 -11.70
N LEU B 370 -6.37 20.60 -12.19
CA LEU B 370 -5.84 20.89 -13.52
C LEU B 370 -6.62 20.39 -14.75
N CYS B 371 -7.14 19.17 -14.69
CA CYS B 371 -7.87 18.61 -15.84
C CYS B 371 -9.28 19.15 -16.01
N TRP B 372 -9.69 19.33 -17.27
CA TRP B 372 -11.03 19.82 -17.59
C TRP B 372 -11.38 19.56 -19.06
N LEU B 373 -12.34 18.69 -19.28
CA LEU B 373 -12.80 18.33 -20.63
C LEU B 373 -14.28 17.97 -20.56
N PRO B 374 -15.07 18.36 -21.57
CA PRO B 374 -16.51 18.08 -21.63
C PRO B 374 -16.80 16.61 -21.96
N LEU B 375 -17.11 16.35 -23.23
CA LEU B 375 -17.40 14.99 -23.70
C LEU B 375 -16.79 14.81 -25.09
#